data_5HLH
#
_entry.id   5HLH
#
_cell.length_a   150.305
_cell.length_b   290.914
_cell.length_c   52.351
_cell.angle_alpha   90.00
_cell.angle_beta   90.00
_cell.angle_gamma   90.00
#
_symmetry.space_group_name_H-M   'P 21 21 2'
#
loop_
_entity.id
_entity.type
_entity.pdbx_description
1 polymer "DNA (5'-D(*TP*AP*AP*CP*TP*CP*AP*AP*TP*CP*GP*CP*GP*CP*GP*CP*GP*AP*TP*TP*GP*AP*GP*T)-3')"
2 polymer 'MarR family transcriptional regulator'
#
loop_
_entity_poly.entity_id
_entity_poly.type
_entity_poly.pdbx_seq_one_letter_code
_entity_poly.pdbx_strand_id
1 'polydeoxyribonucleotide'
;(DT)(DA)(DA)(DC)(DT)(DC)(DA)(DA)(DT)(DC)(DG)(DC)(DG)(DC)(DG)(DC)(DG)(DA)(DT)(DT)
(DG)(DA)(DG)(DT)
;
I,J,K,L,M,N,O,P
2 'polypeptide(L)'
;AMKQEQMRLANQL(OCS)FSAYNVSRLFAQFYEKKLKQFGITYSQYLVLLTLWEENPQTLNSIGRHLDLSSNTLTPMLKR
LEQSGWVKRERQQSDKRQLIITLTDNGQQQQEAVFEAISSCLPQEFDTTEYDETKYVFEELEQTLKHLIEK
;
A,B,C,D,E,F,G,H
#
loop_
_chem_comp.id
_chem_comp.type
_chem_comp.name
_chem_comp.formula
DA DNA linking 2'-DEOXYADENOSINE-5'-MONOPHOSPHATE 'C10 H14 N5 O6 P'
DC DNA linking 2'-DEOXYCYTIDINE-5'-MONOPHOSPHATE 'C9 H14 N3 O7 P'
DG DNA linking 2'-DEOXYGUANOSINE-5'-MONOPHOSPHATE 'C10 H14 N5 O7 P'
DT DNA linking THYMIDINE-5'-MONOPHOSPHATE 'C10 H15 N2 O8 P'
#
# COMPACT_ATOMS: atom_id res chain seq x y z
N GLN I 4 42.35 58.82 -3.05
CA GLN I 4 43.41 58.68 -2.02
C GLN I 4 42.86 58.73 -0.60
N GLU I 5 42.01 59.72 -0.32
CA GLU I 5 41.45 59.91 1.03
C GLU I 5 40.52 58.74 1.40
N GLN I 6 39.90 58.11 0.41
CA GLN I 6 39.02 56.96 0.67
C GLN I 6 39.86 55.71 1.06
N MET I 7 41.09 55.65 0.57
CA MET I 7 42.09 54.66 1.00
C MET I 7 42.53 54.88 2.46
N ARG I 8 42.92 56.12 2.78
CA ARG I 8 43.33 56.51 4.17
C ARG I 8 42.24 56.26 5.22
N LEU I 9 40.99 56.25 4.78
CA LEU I 9 39.88 55.86 5.62
C LEU I 9 39.80 54.33 5.79
N ALA I 10 39.87 53.61 4.66
CA ALA I 10 39.89 52.15 4.67
C ALA I 10 41.08 51.57 5.47
N ASN I 11 42.27 52.13 5.25
CA ASN I 11 43.45 51.72 6.02
C ASN I 11 43.35 51.93 7.53
N GLN I 12 42.82 53.06 8.00
CA GLN I 12 42.66 53.21 9.47
C GLN I 12 41.45 52.49 10.07
N LEU I 13 40.66 51.81 9.22
CA LEU I 13 39.66 50.84 9.67
C LEU I 13 40.10 49.38 9.73
N OCS I 14 40.86 48.88 8.74
CA OCS I 14 41.52 47.53 8.85
CB OCS I 14 42.53 47.14 7.71
SG OCS I 14 43.83 46.01 7.96
C OCS I 14 42.16 47.66 10.20
O OCS I 14 41.82 46.92 11.13
OD1 OCS I 14 43.48 44.64 7.68
OD2 OCS I 14 45.02 46.38 7.25
OD3 OCS I 14 44.34 46.01 9.50
N PHE I 15 43.03 48.67 10.34
CA PHE I 15 43.95 48.76 11.47
C PHE I 15 43.23 48.88 12.79
N SER I 16 42.26 49.76 12.86
CA SER I 16 41.45 49.87 14.07
C SER I 16 40.76 48.53 14.46
N ALA I 17 40.08 47.87 13.52
CA ALA I 17 39.40 46.59 13.77
C ALA I 17 40.39 45.48 14.12
N TYR I 18 41.57 45.57 13.49
CA TYR I 18 42.69 44.67 13.78
C TYR I 18 43.18 44.83 15.19
N ASN I 19 43.24 46.05 15.71
CA ASN I 19 43.57 46.25 17.13
C ASN I 19 42.46 45.73 18.08
N VAL I 20 41.21 46.06 17.79
CA VAL I 20 40.10 45.78 18.68
C VAL I 20 39.93 44.30 18.94
N SER I 21 40.00 43.50 17.88
CA SER I 21 39.85 42.05 18.03
C SER I 21 41.01 41.43 18.80
N ARG I 22 42.22 41.97 18.61
CA ARG I 22 43.40 41.56 19.40
C ARG I 22 43.22 41.84 20.89
N LEU I 23 42.79 43.07 21.22
CA LEU I 23 42.58 43.50 22.64
C LEU I 23 41.50 42.69 23.34
N PHE I 24 40.34 42.53 22.71
CA PHE I 24 39.34 41.56 23.18
C PHE I 24 39.92 40.17 23.43
N ALA I 25 40.66 39.65 22.46
CA ALA I 25 41.20 38.31 22.55
C ALA I 25 42.16 38.22 23.71
N GLN I 26 42.96 39.26 23.89
CA GLN I 26 43.84 39.36 25.06
C GLN I 26 43.02 39.33 26.31
N PHE I 27 42.06 40.25 26.42
CA PHE I 27 41.21 40.36 27.62
C PHE I 27 40.51 39.06 28.04
N TYR I 28 39.89 38.39 27.09
CA TYR I 28 39.27 37.10 27.35
C TYR I 28 40.30 36.03 27.75
N GLU I 29 41.47 35.94 27.10
CA GLU I 29 42.42 34.84 27.42
C GLU I 29 43.04 34.96 28.77
N LYS I 30 43.16 36.21 29.24
CA LYS I 30 43.54 36.53 30.62
C LYS I 30 42.62 35.88 31.68
N LYS I 31 41.31 36.03 31.50
CA LYS I 31 40.29 35.50 32.43
C LYS I 31 40.10 33.99 32.22
N LEU I 32 40.15 33.53 30.98
CA LEU I 32 39.91 32.10 30.65
C LEU I 32 41.11 31.18 30.96
N LYS I 33 42.29 31.77 31.16
CA LYS I 33 43.52 31.00 31.38
C LYS I 33 43.36 29.93 32.47
N GLN I 34 42.71 30.32 33.56
CA GLN I 34 42.40 29.42 34.72
C GLN I 34 41.50 28.19 34.42
N PHE I 35 40.62 28.28 33.42
CA PHE I 35 39.80 27.13 32.99
C PHE I 35 40.52 26.19 32.03
N GLY I 36 41.64 26.66 31.46
CA GLY I 36 42.44 25.91 30.48
C GLY I 36 41.89 25.96 29.06
N ILE I 37 41.21 27.04 28.68
CA ILE I 37 40.63 27.16 27.34
C ILE I 37 41.02 28.50 26.72
N THR I 38 41.03 28.54 25.39
CA THR I 38 41.35 29.72 24.59
C THR I 38 40.07 30.50 24.33
N TYR I 39 40.18 31.66 23.69
CA TYR I 39 38.98 32.42 23.31
C TYR I 39 38.22 31.77 22.18
N SER I 40 38.88 31.22 21.16
CA SER I 40 38.16 30.53 20.06
C SER I 40 37.40 29.32 20.58
N GLN I 41 37.98 28.60 21.52
CA GLN I 41 37.25 27.51 22.16
C GLN I 41 36.09 28.05 22.94
N TYR I 42 36.27 29.19 23.60
CA TYR I 42 35.19 29.83 24.34
C TYR I 42 34.02 30.15 23.41
N LEU I 43 34.30 30.66 22.21
CA LEU I 43 33.25 30.95 21.25
C LEU I 43 32.50 29.68 20.90
N VAL I 44 33.22 28.59 20.64
CA VAL I 44 32.59 27.33 20.35
C VAL I 44 31.67 27.00 21.50
N LEU I 45 32.19 27.02 22.72
CA LEU I 45 31.39 26.76 23.94
C LEU I 45 30.19 27.69 24.14
N LEU I 46 30.27 28.93 23.70
CA LEU I 46 29.09 29.79 23.71
C LEU I 46 27.95 29.28 22.82
N THR I 47 28.28 28.71 21.66
CA THR I 47 27.26 28.20 20.74
C THR I 47 26.64 26.92 21.29
N LEU I 48 27.45 26.05 21.87
CA LEU I 48 26.94 24.85 22.50
C LEU I 48 26.04 25.20 23.70
N TRP I 49 26.47 26.15 24.54
CA TRP I 49 25.67 26.54 25.71
C TRP I 49 24.27 27.05 25.35
N GLU I 50 24.13 27.62 24.14
CA GLU I 50 22.83 27.98 23.55
C GLU I 50 22.09 26.80 22.90
N GLU I 51 22.81 25.97 22.15
CA GLU I 51 22.21 24.82 21.45
C GLU I 51 23.13 23.60 21.52
N ASN I 52 22.68 22.56 22.20
CA ASN I 52 23.48 21.35 22.45
C ASN I 52 22.55 20.12 22.32
N PRO I 53 22.95 19.06 21.60
CA PRO I 53 24.21 18.98 20.84
C PRO I 53 24.15 19.81 19.55
N GLN I 54 25.26 19.79 18.80
CA GLN I 54 25.33 20.38 17.44
C GLN I 54 26.34 19.59 16.63
N THR I 55 26.21 19.72 15.31
CA THR I 55 27.16 19.11 14.40
C THR I 55 28.34 20.10 14.31
N LEU I 56 29.50 19.60 13.89
CA LEU I 56 30.65 20.48 13.60
C LEU I 56 30.30 21.57 12.57
N ASN I 57 29.66 21.12 11.50
CA ASN I 57 29.19 21.99 10.43
C ASN I 57 28.27 23.09 10.94
N SER I 58 27.40 22.75 11.89
CA SER I 58 26.46 23.72 12.44
C SER I 58 27.17 24.82 13.24
N ILE I 59 28.12 24.39 14.06
CA ILE I 59 28.95 25.29 14.86
C ILE I 59 29.71 26.24 13.94
N GLY I 60 30.28 25.69 12.88
CA GLY I 60 30.98 26.46 11.87
C GLY I 60 30.12 27.54 11.25
N ARG I 61 28.86 27.24 10.99
CA ARG I 61 27.93 28.17 10.35
C ARG I 61 27.65 29.32 11.30
N HIS I 62 27.49 28.99 12.58
CA HIS I 62 27.34 30.04 13.57
C HIS I 62 28.53 30.98 13.65
N LEU I 63 29.75 30.45 13.59
CA LEU I 63 30.98 31.25 13.75
C LEU I 63 31.67 31.71 12.44
N ASP I 64 31.12 31.32 11.28
CA ASP I 64 31.81 31.47 9.97
C ASP I 64 33.20 30.79 9.92
N LEU I 65 33.29 29.58 10.45
CA LEU I 65 34.52 28.79 10.41
C LEU I 65 34.23 27.45 9.75
N SER I 66 35.27 26.66 9.49
CA SER I 66 35.11 25.34 8.89
C SER I 66 35.90 24.28 9.65
N SER I 67 35.95 23.07 9.09
CA SER I 67 36.66 21.94 9.68
C SER I 67 38.18 22.18 9.68
N ASN I 68 38.69 23.00 8.77
CA ASN I 68 40.15 23.33 8.83
C ASN I 68 40.60 23.94 10.13
N THR I 69 39.70 24.65 10.80
CA THR I 69 39.90 25.21 12.13
C THR I 69 39.27 24.29 13.17
N LEU I 70 37.99 23.95 13.00
CA LEU I 70 37.21 23.26 14.05
C LEU I 70 37.54 21.79 14.33
N THR I 71 38.11 21.09 13.37
CA THR I 71 38.50 19.70 13.59
C THR I 71 39.59 19.58 14.69
N PRO I 72 40.78 20.22 14.50
CA PRO I 72 41.83 20.15 15.54
C PRO I 72 41.49 20.88 16.85
N MET I 73 40.51 21.77 16.82
CA MET I 73 40.14 22.53 17.99
C MET I 73 39.05 21.90 18.81
N LEU I 74 38.19 21.12 18.20
CA LEU I 74 37.20 20.37 18.98
C LEU I 74 37.96 19.21 19.64
N LYS I 75 38.98 18.68 18.96
CA LYS I 75 39.78 17.65 19.56
C LYS I 75 40.34 18.10 20.91
N ARG I 76 40.91 19.31 20.93
CA ARG I 76 41.49 19.88 22.16
C ARG I 76 40.43 20.05 23.24
N LEU I 77 39.23 20.50 22.87
CA LEU I 77 38.13 20.59 23.85
C LEU I 77 37.71 19.20 24.34
N GLU I 78 37.78 18.19 23.49
CA GLU I 78 37.46 16.83 23.92
C GLU I 78 38.51 16.32 24.89
N GLN I 79 39.78 16.36 24.48
CA GLN I 79 40.93 16.00 25.36
C GLN I 79 40.90 16.67 26.73
N SER I 80 40.39 17.89 26.76
CA SER I 80 40.28 18.69 27.97
C SER I 80 38.90 18.54 28.65
N GLY I 81 38.13 17.52 28.28
CA GLY I 81 36.90 17.13 28.99
C GLY I 81 35.66 18.01 28.88
N TRP I 82 35.63 18.96 27.96
CA TRP I 82 34.47 19.86 27.79
C TRP I 82 33.38 19.30 26.86
N VAL I 83 33.78 18.53 25.83
CA VAL I 83 32.85 18.00 24.83
C VAL I 83 33.18 16.58 24.42
N LYS I 84 32.15 15.93 23.84
CA LYS I 84 32.23 14.58 23.30
C LYS I 84 32.11 14.66 21.80
N ARG I 85 33.03 13.99 21.10
CA ARG I 85 32.96 13.88 19.66
C ARG I 85 32.50 12.48 19.31
N GLU I 86 31.42 12.36 18.55
CA GLU I 86 30.96 11.04 18.07
C GLU I 86 30.23 11.10 16.73
N ARG I 87 30.37 9.99 15.99
CA ARG I 87 29.82 9.89 14.63
C ARG I 87 28.33 9.58 14.67
N GLN I 88 27.60 10.29 13.81
CA GLN I 88 26.17 10.05 13.62
C GLN I 88 26.01 8.70 12.89
N GLN I 89 25.21 7.81 13.47
CA GLN I 89 24.82 6.47 12.88
C GLN I 89 24.01 6.67 11.58
N SER I 90 22.96 7.49 11.71
CA SER I 90 22.16 7.98 10.59
C SER I 90 22.97 8.41 9.36
N ASP I 91 24.09 9.13 9.56
CA ASP I 91 24.98 9.58 8.47
C ASP I 91 26.44 9.63 8.97
N LYS I 92 27.22 8.61 8.62
CA LYS I 92 28.58 8.45 9.19
C LYS I 92 29.68 9.47 8.73
N ARG I 93 29.32 10.36 7.81
CA ARG I 93 30.19 11.48 7.43
C ARG I 93 30.15 12.59 8.50
N GLN I 94 29.00 12.75 9.18
CA GLN I 94 28.74 13.87 10.10
C GLN I 94 29.41 13.62 11.46
N LEU I 95 29.58 14.71 12.22
CA LEU I 95 30.25 14.65 13.54
C LEU I 95 29.54 15.47 14.60
N ILE I 96 29.01 14.77 15.61
CA ILE I 96 28.15 15.40 16.62
C ILE I 96 28.90 15.80 17.88
N ILE I 97 28.85 17.09 18.18
CA ILE I 97 29.51 17.69 19.34
C ILE I 97 28.51 17.88 20.48
N THR I 98 28.77 17.18 21.58
CA THR I 98 27.88 17.18 22.73
C THR I 98 28.70 17.64 23.91
N LEU I 99 28.16 18.59 24.68
CA LEU I 99 28.75 18.97 25.97
C LEU I 99 28.77 17.77 26.92
N THR I 100 29.83 17.65 27.70
CA THR I 100 29.85 16.73 28.83
C THR I 100 29.05 17.41 29.95
N ASP I 101 28.91 16.73 31.06
CA ASP I 101 28.31 17.33 32.25
C ASP I 101 29.22 18.41 32.80
N ASN I 102 30.50 18.07 32.94
CA ASN I 102 31.49 19.04 33.37
C ASN I 102 31.51 20.31 32.48
N GLY I 103 31.46 20.13 31.15
CA GLY I 103 31.37 21.26 30.21
C GLY I 103 30.11 22.10 30.40
N GLN I 104 29.01 21.40 30.65
CA GLN I 104 27.69 22.01 30.83
C GLN I 104 27.63 22.82 32.12
N GLN I 105 28.19 22.22 33.16
CA GLN I 105 28.10 22.74 34.52
C GLN I 105 28.88 24.03 34.73
N GLN I 106 30.11 24.07 34.17
CA GLN I 106 31.08 25.16 34.41
C GLN I 106 30.76 26.48 33.71
N GLN I 107 29.65 26.54 32.97
CA GLN I 107 29.27 27.77 32.29
C GLN I 107 29.17 28.96 33.23
N GLU I 108 28.54 28.73 34.39
CA GLU I 108 28.29 29.79 35.37
C GLU I 108 29.61 30.31 35.97
N ALA I 109 30.46 29.36 36.38
CA ALA I 109 31.81 29.69 36.83
C ALA I 109 32.56 30.57 35.80
N VAL I 110 32.56 30.14 34.53
CA VAL I 110 33.23 30.85 33.42
C VAL I 110 32.65 32.24 33.26
N PHE I 111 31.33 32.33 33.19
CA PHE I 111 30.64 33.63 33.00
C PHE I 111 30.91 34.63 34.15
N GLU I 112 30.99 34.12 35.39
CA GLU I 112 31.32 34.94 36.55
C GLU I 112 32.74 35.54 36.48
N ALA I 113 33.72 34.70 36.12
CA ALA I 113 35.13 35.08 36.00
C ALA I 113 35.30 36.24 35.01
N ILE I 114 34.55 36.20 33.93
CA ILE I 114 34.62 37.21 32.87
C ILE I 114 33.87 38.45 33.30
N SER I 115 32.63 38.26 33.74
CA SER I 115 31.70 39.37 34.10
C SER I 115 32.24 40.29 35.21
N SER I 116 32.89 39.70 36.21
CA SER I 116 33.47 40.46 37.34
C SER I 116 34.68 41.36 36.98
N CYS I 117 35.06 41.42 35.70
CA CYS I 117 36.12 42.30 35.25
C CYS I 117 35.61 43.22 34.15
N TYR I 127 27.51 52.53 24.51
CA TYR I 127 27.76 51.28 23.77
C TYR I 127 26.48 50.61 23.29
N ASP I 128 25.44 51.42 23.08
CA ASP I 128 24.15 50.90 22.66
C ASP I 128 24.13 50.90 21.13
N GLU I 129 24.65 51.98 20.50
CA GLU I 129 24.71 52.19 19.04
C GLU I 129 26.03 51.70 18.39
N THR I 130 27.00 51.33 19.22
CA THR I 130 28.26 50.78 18.74
C THR I 130 27.98 49.51 17.95
N LYS I 131 27.28 48.57 18.61
CA LYS I 131 26.96 47.25 18.05
C LYS I 131 26.34 47.32 16.64
N TYR I 132 25.49 48.31 16.42
CA TYR I 132 24.90 48.57 15.10
C TYR I 132 25.99 48.85 14.04
N VAL I 133 26.97 49.69 14.40
CA VAL I 133 28.03 50.12 13.47
C VAL I 133 28.92 48.97 13.03
N PHE I 134 29.19 48.06 13.97
CA PHE I 134 29.94 46.85 13.70
C PHE I 134 29.09 45.99 12.74
N GLU I 135 27.91 45.59 13.21
CA GLU I 135 26.98 44.70 12.44
C GLU I 135 26.75 45.16 10.97
N GLU I 136 26.80 46.46 10.74
CA GLU I 136 26.64 47.01 9.38
C GLU I 136 27.89 46.91 8.52
N LEU I 137 29.04 47.22 9.13
CA LEU I 137 30.36 47.07 8.45
C LEU I 137 30.64 45.59 8.13
N GLU I 138 30.23 44.71 9.06
CA GLU I 138 30.26 43.28 8.86
C GLU I 138 29.58 42.92 7.56
N GLN I 139 28.38 43.46 7.39
CA GLN I 139 27.57 43.24 6.18
C GLN I 139 28.18 43.82 4.93
N THR I 140 28.68 45.04 5.03
CA THR I 140 29.32 45.70 3.89
C THR I 140 30.53 44.92 3.42
N LEU I 141 31.33 44.38 4.34
CA LEU I 141 32.50 43.58 3.97
C LEU I 141 32.09 42.24 3.32
N LYS I 142 31.04 41.59 3.85
CA LYS I 142 30.59 40.27 3.34
C LYS I 142 30.19 40.27 1.85
N HIS I 143 29.56 41.36 1.39
CA HIS I 143 29.23 41.49 -0.04
C HIS I 143 30.45 41.86 -0.88
N LEU I 144 31.35 42.67 -0.31
CA LEU I 144 32.57 43.05 -0.99
C LEU I 144 33.48 41.86 -1.28
N ILE I 145 33.45 40.83 -0.43
CA ILE I 145 34.27 39.63 -0.65
C ILE I 145 33.65 38.67 -1.66
N GLU I 146 32.33 38.46 -1.51
CA GLU I 146 31.60 37.47 -2.29
C GLU I 146 30.93 38.14 -3.48
N LYS I 147 31.30 37.67 -4.68
CA LYS I 147 30.67 38.07 -5.96
C LYS I 147 30.90 39.53 -6.30
N MET J 2 20.78 40.87 36.23
CA MET J 2 21.21 42.13 35.51
C MET J 2 22.62 42.14 34.95
N LYS J 3 23.54 41.50 35.68
CA LYS J 3 24.92 41.33 35.21
C LYS J 3 24.96 40.51 33.91
N GLN J 4 24.06 39.52 33.80
CA GLN J 4 23.96 38.62 32.64
C GLN J 4 23.72 39.34 31.31
N GLU J 5 23.02 40.47 31.35
CA GLU J 5 22.71 41.27 30.15
C GLU J 5 23.92 42.04 29.65
N GLN J 6 24.78 42.44 30.59
CA GLN J 6 26.03 43.13 30.26
C GLN J 6 27.01 42.14 29.61
N MET J 7 27.05 40.90 30.10
CA MET J 7 27.86 39.83 29.48
C MET J 7 27.44 39.53 28.03
N ARG J 8 26.14 39.41 27.80
CA ARG J 8 25.66 39.14 26.45
C ARG J 8 26.13 40.25 25.47
N LEU J 9 26.22 41.49 25.97
CA LEU J 9 26.67 42.64 25.18
C LEU J 9 28.15 42.57 24.85
N ALA J 10 28.96 42.27 25.86
CA ALA J 10 30.41 42.03 25.67
C ALA J 10 30.72 40.81 24.79
N ASN J 11 29.84 39.79 24.80
CA ASN J 11 30.04 38.58 23.99
C ASN J 11 29.74 38.85 22.53
N GLN J 12 28.64 39.56 22.26
CA GLN J 12 28.33 39.96 20.88
C GLN J 12 29.12 41.20 20.40
N LEU J 13 30.13 41.63 21.17
CA LEU J 13 31.16 42.55 20.66
C LEU J 13 32.52 41.89 20.43
N OCS J 14 32.94 40.93 21.28
CA OCS J 14 34.11 40.04 20.98
CB OCS J 14 34.39 38.83 21.92
SG OCS J 14 35.34 37.54 21.31
C OCS J 14 33.82 39.53 19.61
O OCS J 14 34.61 39.73 18.70
OD1 OCS J 14 36.75 37.74 21.47
OD3 OCS J 14 35.14 36.30 22.01
N PHE J 15 32.64 38.92 19.47
CA PHE J 15 32.28 38.19 18.26
C PHE J 15 32.13 39.05 17.04
N SER J 16 31.49 40.19 17.19
CA SER J 16 31.33 41.10 16.06
C SER J 16 32.64 41.71 15.53
N ALA J 17 33.58 42.04 16.43
CA ALA J 17 34.92 42.59 16.07
C ALA J 17 35.84 41.49 15.55
N TYR J 18 35.63 40.29 16.09
CA TYR J 18 36.28 39.07 15.60
C TYR J 18 35.92 38.83 14.14
N ASN J 19 34.64 38.89 13.80
CA ASN J 19 34.22 38.76 12.40
C ASN J 19 34.74 39.90 11.48
N VAL J 20 34.73 41.13 11.96
CA VAL J 20 35.10 42.29 11.11
C VAL J 20 36.59 42.32 10.74
N SER J 21 37.43 42.02 11.71
CA SER J 21 38.88 41.93 11.49
C SER J 21 39.22 40.83 10.50
N ARG J 22 38.60 39.65 10.69
CA ARG J 22 38.73 38.53 9.72
C ARG J 22 38.37 38.94 8.29
N LEU J 23 37.17 39.46 8.10
CA LEU J 23 36.72 39.89 6.79
C LEU J 23 37.64 40.92 6.11
N PHE J 24 38.19 41.85 6.86
CA PHE J 24 39.11 42.84 6.30
C PHE J 24 40.40 42.20 5.88
N ALA J 25 40.86 41.26 6.69
CA ALA J 25 42.08 40.54 6.36
C ALA J 25 41.83 39.81 5.02
N GLN J 26 40.71 39.07 4.96
CA GLN J 26 40.29 38.37 3.73
C GLN J 26 40.31 39.34 2.55
N PHE J 27 39.67 40.49 2.71
CA PHE J 27 39.60 41.44 1.63
C PHE J 27 40.98 41.93 1.21
N TYR J 28 41.84 42.30 2.15
CA TYR J 28 43.18 42.82 1.81
C TYR J 28 44.14 41.76 1.29
N GLU J 29 43.95 40.50 1.71
CA GLU J 29 44.75 39.39 1.13
C GLU J 29 44.42 39.11 -0.32
N LYS J 30 43.12 39.14 -0.63
CA LYS J 30 42.61 39.00 -2.00
C LYS J 30 43.31 39.99 -2.92
N LYS J 31 43.39 41.24 -2.52
CA LYS J 31 43.97 42.29 -3.37
C LYS J 31 45.50 42.31 -3.37
N LEU J 32 46.10 41.85 -2.26
CA LEU J 32 47.56 41.90 -2.08
C LEU J 32 48.30 40.63 -2.57
N LYS J 33 47.51 39.58 -2.83
CA LYS J 33 48.00 38.31 -3.38
C LYS J 33 48.94 38.50 -4.56
N GLN J 34 48.57 39.36 -5.49
CA GLN J 34 49.38 39.64 -6.67
C GLN J 34 50.76 40.23 -6.36
N PHE J 35 50.91 40.97 -5.27
CA PHE J 35 52.25 41.53 -4.93
C PHE J 35 53.09 40.59 -4.05
N GLY J 36 52.49 39.47 -3.66
CA GLY J 36 53.17 38.46 -2.89
C GLY J 36 53.42 38.84 -1.45
N ILE J 37 52.54 39.67 -0.88
CA ILE J 37 52.61 40.08 0.52
C ILE J 37 51.28 39.80 1.21
N THR J 38 51.36 39.61 2.53
CA THR J 38 50.22 39.34 3.39
C THR J 38 49.70 40.65 3.95
N TYR J 39 48.55 40.64 4.60
CA TYR J 39 48.05 41.90 5.24
C TYR J 39 48.94 42.41 6.39
N SER J 40 49.44 41.53 7.25
CA SER J 40 50.34 41.94 8.34
C SER J 40 51.61 42.63 7.84
N GLN J 41 52.13 42.14 6.71
CA GLN J 41 53.26 42.76 6.05
C GLN J 41 52.89 44.08 5.43
N TYR J 42 51.66 44.15 4.92
CA TYR J 42 51.11 45.39 4.40
C TYR J 42 51.03 46.46 5.51
N LEU J 43 50.56 46.06 6.69
CA LEU J 43 50.60 46.96 7.84
C LEU J 43 52.01 47.49 8.12
N VAL J 44 52.98 46.59 8.20
CA VAL J 44 54.37 47.01 8.40
C VAL J 44 54.79 47.96 7.31
N LEU J 45 54.42 47.65 6.08
CA LEU J 45 54.80 48.51 5.00
C LEU J 45 54.14 49.90 5.11
N LEU J 46 52.89 49.98 5.59
CA LEU J 46 52.23 51.29 5.80
C LEU J 46 53.01 52.21 6.73
N THR J 47 53.65 51.66 7.75
CA THR J 47 54.38 52.52 8.70
C THR J 47 55.69 52.96 8.08
N LEU J 48 56.30 52.11 7.27
CA LEU J 48 57.56 52.49 6.61
C LEU J 48 57.28 53.56 5.52
N TRP J 49 56.16 53.39 4.85
CA TRP J 49 55.78 54.35 3.86
C TRP J 49 55.57 55.74 4.48
N GLU J 50 55.01 55.80 5.69
CA GLU J 50 54.96 57.07 6.44
C GLU J 50 56.31 57.53 7.04
N GLU J 51 57.14 56.61 7.53
CA GLU J 51 58.41 56.95 8.15
C GLU J 51 59.44 55.86 7.89
N ASN J 52 60.53 56.24 7.23
CA ASN J 52 61.56 55.31 6.74
C ASN J 52 62.89 56.03 6.88
N PRO J 53 63.94 55.40 7.40
CA PRO J 53 63.91 54.08 8.02
C PRO J 53 63.31 54.09 9.41
N GLN J 54 63.21 52.89 9.96
CA GLN J 54 62.76 52.68 11.32
C GLN J 54 63.41 51.44 11.93
N THR J 55 63.42 51.41 13.26
CA THR J 55 63.95 50.25 13.97
C THR J 55 62.80 49.29 14.14
N LEU J 56 63.11 48.02 14.33
CA LEU J 56 62.07 46.99 14.53
C LEU J 56 61.18 47.31 15.73
N ASN J 57 61.82 47.75 16.81
CA ASN J 57 61.14 48.24 17.98
C ASN J 57 60.10 49.38 17.75
N SER J 58 60.51 50.37 16.96
CA SER J 58 59.63 51.46 16.55
C SER J 58 58.39 51.01 15.75
N ILE J 59 58.59 50.10 14.81
CA ILE J 59 57.50 49.60 14.00
C ILE J 59 56.54 48.92 14.97
N GLY J 60 57.09 48.18 15.92
CA GLY J 60 56.29 47.41 16.83
C GLY J 60 55.47 48.28 17.74
N ARG J 61 56.01 49.44 18.06
CA ARG J 61 55.31 50.41 18.89
C ARG J 61 54.08 50.93 18.15
N HIS J 62 54.24 51.24 16.87
CA HIS J 62 53.15 51.68 15.99
C HIS J 62 52.02 50.68 15.75
N LEU J 63 52.31 49.37 15.81
CA LEU J 63 51.34 48.31 15.53
C LEU J 63 50.99 47.48 16.74
N ASP J 64 51.55 47.84 17.88
CA ASP J 64 51.44 47.06 19.13
C ASP J 64 51.87 45.61 18.96
N LEU J 65 52.99 45.42 18.27
CA LEU J 65 53.58 44.10 18.05
C LEU J 65 54.99 44.13 18.58
N SER J 66 55.63 42.97 18.62
CA SER J 66 57.02 42.87 19.06
C SER J 66 57.84 41.90 18.20
N SER J 67 59.12 41.72 18.53
CA SER J 67 60.00 40.87 17.76
C SER J 67 59.45 39.48 17.59
N ASN J 68 58.77 38.94 18.58
CA ASN J 68 58.18 37.60 18.43
C ASN J 68 57.32 37.39 17.17
N THR J 69 56.71 38.47 16.67
CA THR J 69 55.99 38.48 15.39
C THR J 69 56.86 39.07 14.30
N LEU J 70 57.49 40.22 14.58
CA LEU J 70 58.14 41.03 13.57
C LEU J 70 59.46 40.49 13.09
N THR J 71 60.16 39.72 13.91
CA THR J 71 61.45 39.16 13.50
C THR J 71 61.32 38.23 12.33
N PRO J 72 60.50 37.17 12.43
CA PRO J 72 60.32 36.29 11.28
C PRO J 72 59.62 36.97 10.09
N MET J 73 58.83 37.99 10.37
CA MET J 73 58.06 38.64 9.35
C MET J 73 58.82 39.71 8.55
N LEU J 74 59.77 40.40 9.15
CA LEU J 74 60.67 41.28 8.39
C LEU J 74 61.67 40.46 7.57
N LYS J 75 61.92 39.23 7.95
CA LYS J 75 62.74 38.36 7.15
C LYS J 75 62.05 37.97 5.85
N ARG J 76 60.74 37.79 5.87
CA ARG J 76 60.01 37.45 4.65
C ARG J 76 59.99 38.65 3.71
N LEU J 77 59.72 39.83 4.24
CA LEU J 77 59.74 41.04 3.43
C LEU J 77 61.14 41.33 2.88
N GLU J 78 62.21 40.94 3.58
CA GLU J 78 63.57 41.10 3.04
C GLU J 78 63.85 40.12 1.93
N GLN J 79 63.44 38.90 2.16
CA GLN J 79 63.64 37.88 1.16
C GLN J 79 62.86 38.21 -0.13
N SER J 80 61.69 38.82 0.06
CA SER J 80 60.85 39.27 -1.08
C SER J 80 61.27 40.61 -1.69
N GLY J 81 62.34 41.23 -1.22
CA GLY J 81 62.89 42.40 -1.83
C GLY J 81 62.26 43.73 -1.45
N TRP J 82 61.30 43.72 -0.49
CA TRP J 82 60.66 44.97 -0.06
C TRP J 82 61.52 45.78 0.91
N VAL J 83 62.28 45.13 1.80
CA VAL J 83 63.08 45.84 2.82
C VAL J 83 64.51 45.31 3.00
N LYS J 84 65.33 46.17 3.59
CA LYS J 84 66.67 45.84 4.07
C LYS J 84 66.66 45.66 5.60
N ARG J 85 67.34 44.65 6.13
CA ARG J 85 67.49 44.49 7.58
C ARG J 85 68.95 44.60 7.93
N GLU J 86 69.35 45.63 8.66
CA GLU J 86 70.78 45.80 8.97
C GLU J 86 71.01 46.36 10.36
N ARG J 87 72.12 45.92 10.98
CA ARG J 87 72.47 46.27 12.35
C ARG J 87 72.94 47.71 12.44
N GLN J 88 72.55 48.40 13.50
CA GLN J 88 73.01 49.76 13.74
C GLN J 88 74.45 49.68 14.24
N GLN J 89 75.37 50.41 13.63
CA GLN J 89 76.77 50.43 14.12
C GLN J 89 76.92 51.05 15.52
N SER J 90 76.24 52.17 15.70
CA SER J 90 76.07 52.88 16.97
C SER J 90 75.69 51.96 18.15
N ASP J 91 74.69 51.09 17.92
CA ASP J 91 74.14 50.17 18.92
C ASP J 91 73.78 48.81 18.29
N LYS J 92 74.69 47.85 18.42
CA LYS J 92 74.59 46.56 17.71
C LYS J 92 73.46 45.61 18.20
N ARG J 93 72.71 46.02 19.22
CA ARG J 93 71.48 45.31 19.61
C ARG J 93 70.30 45.65 18.69
N GLN J 94 70.35 46.85 18.12
CA GLN J 94 69.23 47.43 17.37
C GLN J 94 69.23 46.90 15.96
N LEU J 95 68.05 46.87 15.34
CA LEU J 95 67.92 46.39 13.97
C LEU J 95 67.10 47.39 13.20
N ILE J 96 67.71 47.96 12.14
CA ILE J 96 67.13 49.02 11.35
C ILE J 96 66.54 48.43 10.10
N ILE J 97 65.29 48.83 9.84
CA ILE J 97 64.55 48.44 8.67
C ILE J 97 64.56 49.63 7.74
N THR J 98 64.85 49.37 6.46
CA THR J 98 64.86 50.41 5.41
C THR J 98 64.20 49.90 4.15
N LEU J 99 63.31 50.69 3.57
CA LEU J 99 62.69 50.30 2.33
C LEU J 99 63.75 50.19 1.25
N THR J 100 63.65 49.19 0.40
CA THR J 100 64.39 49.18 -0.87
C THR J 100 63.82 50.26 -1.83
N ASP J 101 64.45 50.46 -2.97
CA ASP J 101 63.83 51.28 -4.02
C ASP J 101 62.52 50.61 -4.44
N ASN J 102 62.61 49.36 -4.85
CA ASN J 102 61.41 48.58 -5.17
C ASN J 102 60.28 48.60 -4.16
N GLY J 103 60.61 48.56 -2.87
CA GLY J 103 59.61 48.59 -1.80
C GLY J 103 58.98 49.97 -1.66
N GLN J 104 59.81 51.00 -1.86
CA GLN J 104 59.35 52.39 -1.89
C GLN J 104 58.44 52.64 -3.08
N GLN J 105 58.96 52.36 -4.27
CA GLN J 105 58.30 52.64 -5.55
C GLN J 105 56.97 51.92 -5.79
N GLN J 106 56.76 50.79 -5.14
CA GLN J 106 55.61 49.95 -5.40
C GLN J 106 54.38 50.39 -4.62
N GLN J 107 54.51 51.45 -3.81
CA GLN J 107 53.40 51.94 -3.00
C GLN J 107 52.16 52.26 -3.84
N GLU J 108 52.38 53.06 -4.87
CA GLU J 108 51.30 53.55 -5.71
C GLU J 108 50.53 52.38 -6.34
N ALA J 109 51.30 51.43 -6.87
CA ALA J 109 50.73 50.25 -7.47
C ALA J 109 49.83 49.51 -6.51
N VAL J 110 50.32 49.35 -5.28
CA VAL J 110 49.60 48.63 -4.24
C VAL J 110 48.32 49.36 -3.89
N PHE J 111 48.47 50.65 -3.57
CA PHE J 111 47.31 51.44 -3.15
C PHE J 111 46.20 51.39 -4.22
N GLU J 112 46.58 51.58 -5.49
CA GLU J 112 45.64 51.50 -6.65
C GLU J 112 44.85 50.20 -6.70
N ALA J 113 45.54 49.08 -6.46
CA ALA J 113 44.96 47.74 -6.48
C ALA J 113 43.91 47.59 -5.41
N ILE J 114 44.14 48.23 -4.28
CA ILE J 114 43.21 48.15 -3.16
C ILE J 114 42.06 49.12 -3.40
N SER J 115 42.44 50.35 -3.77
CA SER J 115 41.53 51.48 -3.92
C SER J 115 40.39 51.23 -4.89
N SER J 116 40.72 50.59 -6.01
CA SER J 116 39.76 50.37 -7.07
C SER J 116 38.70 49.31 -6.77
N CYS J 117 38.74 48.68 -5.61
CA CYS J 117 37.70 47.73 -5.23
C CYS J 117 36.84 48.18 -4.03
N LEU J 118 36.91 49.44 -3.65
CA LEU J 118 36.24 49.91 -2.44
C LEU J 118 34.78 50.32 -2.67
N GLU J 126 30.06 58.84 4.81
CA GLU J 126 29.29 58.45 6.01
C GLU J 126 30.03 57.49 6.95
N TYR J 127 30.88 56.63 6.37
CA TYR J 127 31.75 55.70 7.13
C TYR J 127 32.90 56.31 7.93
N ASP J 128 33.00 57.64 7.94
CA ASP J 128 33.92 58.36 8.84
C ASP J 128 33.43 58.38 10.32
N GLU J 129 32.12 58.48 10.52
CA GLU J 129 31.49 58.36 11.84
C GLU J 129 31.93 57.05 12.51
N THR J 130 31.92 55.97 11.71
CA THR J 130 32.34 54.63 12.14
C THR J 130 33.75 54.60 12.77
N LYS J 131 34.73 55.22 12.12
CA LYS J 131 36.12 55.27 12.63
C LYS J 131 36.27 55.81 14.09
N TYR J 132 35.43 56.78 14.45
CA TYR J 132 35.39 57.34 15.81
C TYR J 132 34.89 56.32 16.87
N VAL J 133 33.91 55.50 16.48
CA VAL J 133 33.35 54.48 17.37
C VAL J 133 34.37 53.36 17.66
N PHE J 134 35.14 52.98 16.64
CA PHE J 134 36.20 52.00 16.80
C PHE J 134 37.33 52.59 17.65
N GLU J 135 37.92 53.70 17.21
CA GLU J 135 38.96 54.38 18.00
C GLU J 135 38.65 54.45 19.51
N GLU J 136 37.39 54.73 19.85
CA GLU J 136 36.97 54.87 21.24
C GLU J 136 37.00 53.52 21.95
N LEU J 137 36.36 52.52 21.34
CA LEU J 137 36.35 51.15 21.92
C LEU J 137 37.77 50.57 22.11
N GLU J 138 38.63 50.84 21.12
CA GLU J 138 40.06 50.55 21.18
C GLU J 138 40.57 51.07 22.53
N GLN J 139 40.42 52.38 22.73
CA GLN J 139 40.86 53.09 23.95
C GLN J 139 40.22 52.66 25.27
N THR J 140 38.96 52.24 25.24
CA THR J 140 38.32 51.69 26.42
C THR J 140 39.03 50.40 26.79
N LEU J 141 39.23 49.53 25.77
CA LEU J 141 39.85 48.22 25.96
C LEU J 141 41.31 48.28 26.42
N LYS J 142 42.07 49.26 25.89
CA LYS J 142 43.47 49.43 26.31
C LYS J 142 43.61 49.66 27.82
N HIS J 143 42.81 50.60 28.34
CA HIS J 143 42.75 50.88 29.79
C HIS J 143 42.19 49.69 30.60
N LEU J 144 41.23 48.97 30.03
CA LEU J 144 40.68 47.77 30.67
C LEU J 144 41.75 46.69 30.90
N ILE J 145 42.74 46.58 30.00
CA ILE J 145 43.80 45.55 30.08
C ILE J 145 44.88 45.87 31.12
N GLU J 146 45.12 47.16 31.37
CA GLU J 146 46.15 47.62 32.33
C GLU J 146 45.55 48.01 33.68
N GLU K 5 7.16 -7.06 -57.76
CA GLU K 5 8.23 -6.64 -58.71
C GLU K 5 9.62 -6.97 -58.11
N GLN K 6 10.20 -6.05 -57.33
CA GLN K 6 11.45 -6.26 -56.62
C GLN K 6 11.26 -7.14 -55.38
N MET K 7 10.03 -7.20 -54.85
CA MET K 7 9.67 -8.15 -53.77
C MET K 7 10.04 -9.60 -54.07
N ARG K 8 9.79 -10.02 -55.31
CA ARG K 8 10.09 -11.37 -55.78
C ARG K 8 11.58 -11.71 -55.71
N LEU K 9 12.43 -10.72 -55.92
CA LEU K 9 13.87 -10.86 -55.74
C LEU K 9 14.23 -11.01 -54.27
N ALA K 10 13.68 -10.15 -53.40
CA ALA K 10 13.91 -10.20 -51.94
C ALA K 10 13.36 -11.48 -51.29
N ASN K 11 12.25 -11.99 -51.81
CA ASN K 11 11.70 -13.24 -51.29
C ASN K 11 12.53 -14.45 -51.66
N GLN K 12 13.05 -14.49 -52.87
CA GLN K 12 13.92 -15.60 -53.27
C GLN K 12 15.26 -15.55 -52.54
N LEU K 13 15.65 -14.37 -52.08
CA LEU K 13 16.89 -14.18 -51.32
C LEU K 13 16.79 -14.53 -49.82
N OCS K 14 15.63 -14.27 -49.18
CA OCS K 14 15.34 -14.73 -47.79
CB OCS K 14 13.94 -14.40 -47.17
SG OCS K 14 13.23 -15.28 -45.88
C OCS K 14 15.54 -16.19 -47.94
O OCS K 14 16.47 -16.75 -47.36
OD1 OCS K 14 13.90 -15.07 -44.64
OD2 OCS K 14 11.84 -15.06 -45.60
OD3 OCS K 14 13.10 -16.82 -46.30
N PHE K 15 14.72 -16.81 -48.80
CA PHE K 15 14.64 -18.27 -48.90
C PHE K 15 15.96 -18.96 -49.21
N SER K 16 16.72 -18.38 -50.13
CA SER K 16 18.01 -18.94 -50.52
C SER K 16 18.95 -18.93 -49.34
N ALA K 17 19.07 -17.81 -48.65
CA ALA K 17 19.99 -17.67 -47.51
C ALA K 17 19.53 -18.51 -46.32
N TYR K 18 18.22 -18.65 -46.20
CA TYR K 18 17.58 -19.51 -45.18
C TYR K 18 17.94 -20.96 -45.45
N ASN K 19 17.90 -21.40 -46.72
CA ASN K 19 18.37 -22.74 -47.12
C ASN K 19 19.86 -23.03 -46.92
N VAL K 20 20.72 -22.05 -47.17
CA VAL K 20 22.17 -22.22 -47.06
C VAL K 20 22.62 -22.33 -45.62
N SER K 21 22.15 -21.42 -44.78
CA SER K 21 22.59 -21.43 -43.38
C SER K 21 22.18 -22.76 -42.71
N ARG K 22 20.93 -23.18 -42.96
CA ARG K 22 20.44 -24.49 -42.55
C ARG K 22 21.33 -25.65 -42.97
N LEU K 23 21.67 -25.68 -44.25
CA LEU K 23 22.53 -26.76 -44.78
C LEU K 23 23.93 -26.74 -44.17
N PHE K 24 24.51 -25.56 -44.05
CA PHE K 24 25.75 -25.44 -43.31
C PHE K 24 25.63 -26.00 -41.90
N ALA K 25 24.59 -25.59 -41.18
CA ALA K 25 24.37 -26.04 -39.82
C ALA K 25 24.26 -27.56 -39.75
N GLN K 26 23.47 -28.15 -40.62
CA GLN K 26 23.40 -29.62 -40.75
C GLN K 26 24.77 -30.23 -40.99
N PHE K 27 25.53 -29.69 -41.94
CA PHE K 27 26.85 -30.22 -42.27
C PHE K 27 27.78 -30.23 -41.06
N TYR K 28 27.85 -29.14 -40.32
CA TYR K 28 28.71 -29.09 -39.13
C TYR K 28 28.20 -30.02 -38.04
N GLU K 29 26.90 -30.04 -37.80
CA GLU K 29 26.31 -30.93 -36.77
C GLU K 29 26.63 -32.37 -37.01
N LYS K 30 26.53 -32.81 -38.24
CA LYS K 30 26.92 -34.17 -38.65
C LYS K 30 28.35 -34.55 -38.22
N LYS K 31 29.31 -33.64 -38.46
CA LYS K 31 30.73 -33.87 -38.15
C LYS K 31 31.01 -33.67 -36.66
N LEU K 32 30.39 -32.65 -36.05
CA LEU K 32 30.58 -32.35 -34.62
C LEU K 32 29.87 -33.29 -33.62
N LYS K 33 28.93 -34.13 -34.12
CA LYS K 33 28.11 -35.06 -33.29
C LYS K 33 28.99 -35.91 -32.39
N GLN K 34 30.07 -36.44 -32.96
CA GLN K 34 31.02 -37.24 -32.22
C GLN K 34 31.68 -36.56 -31.00
N PHE K 35 31.91 -35.25 -31.06
CA PHE K 35 32.51 -34.52 -29.93
C PHE K 35 31.50 -34.12 -28.87
N GLY K 36 30.22 -34.20 -29.23
CA GLY K 36 29.11 -33.87 -28.33
C GLY K 36 28.88 -32.40 -28.14
N ILE K 37 29.01 -31.63 -29.23
CA ILE K 37 28.82 -30.17 -29.26
C ILE K 37 28.09 -29.73 -30.53
N THR K 38 27.33 -28.64 -30.41
CA THR K 38 26.55 -28.09 -31.49
C THR K 38 27.29 -27.04 -32.25
N TYR K 39 26.78 -26.67 -33.41
CA TYR K 39 27.43 -25.69 -34.25
C TYR K 39 27.51 -24.29 -33.63
N SER K 40 26.52 -23.90 -32.83
CA SER K 40 26.57 -22.63 -32.10
C SER K 40 27.61 -22.65 -30.98
N GLN K 41 27.72 -23.79 -30.33
CA GLN K 41 28.81 -24.03 -29.38
C GLN K 41 30.18 -24.03 -30.05
N TYR K 42 30.26 -24.59 -31.26
CA TYR K 42 31.50 -24.61 -32.02
C TYR K 42 31.94 -23.20 -32.38
N LEU K 43 30.98 -22.34 -32.74
CA LEU K 43 31.26 -20.93 -32.98
C LEU K 43 31.86 -20.27 -31.75
N VAL K 44 31.25 -20.49 -30.58
CA VAL K 44 31.81 -19.98 -29.32
C VAL K 44 33.25 -20.45 -29.16
N LEU K 45 33.47 -21.75 -29.33
CA LEU K 45 34.80 -22.33 -29.18
C LEU K 45 35.78 -21.79 -30.17
N LEU K 46 35.34 -21.52 -31.41
CA LEU K 46 36.23 -20.85 -32.38
C LEU K 46 36.80 -19.56 -31.83
N THR K 47 35.98 -18.76 -31.15
CA THR K 47 36.45 -17.46 -30.65
C THR K 47 37.41 -17.61 -29.45
N LEU K 48 37.20 -18.65 -28.64
CA LEU K 48 38.05 -18.89 -27.46
C LEU K 48 39.40 -19.49 -27.89
N TRP K 49 39.37 -20.35 -28.90
CA TRP K 49 40.60 -20.81 -29.54
C TRP K 49 41.44 -19.64 -30.11
N GLU K 50 40.77 -18.62 -30.63
CA GLU K 50 41.40 -17.39 -31.12
C GLU K 50 41.89 -16.44 -29.99
N GLU K 51 41.16 -16.38 -28.87
CA GLU K 51 41.49 -15.47 -27.74
C GLU K 51 40.91 -15.99 -26.41
N ASN K 52 41.75 -16.44 -25.47
CA ASN K 52 41.27 -17.11 -24.27
C ASN K 52 42.11 -16.71 -23.09
N PRO K 53 41.52 -16.30 -21.95
CA PRO K 53 40.08 -16.28 -21.72
C PRO K 53 39.38 -15.10 -22.41
N GLN K 54 38.04 -15.06 -22.26
CA GLN K 54 37.20 -13.93 -22.68
C GLN K 54 35.99 -13.83 -21.72
N THR K 55 35.34 -12.66 -21.73
CA THR K 55 34.14 -12.44 -20.94
C THR K 55 32.94 -12.80 -21.80
N LEU K 56 31.87 -13.29 -21.21
CA LEU K 56 30.61 -13.58 -21.97
C LEU K 56 30.20 -12.48 -22.94
N ASN K 57 30.26 -11.24 -22.48
CA ASN K 57 29.94 -10.10 -23.29
C ASN K 57 30.85 -10.00 -24.54
N SER K 58 32.15 -10.22 -24.34
CA SER K 58 33.13 -10.15 -25.43
C SER K 58 32.85 -11.14 -26.57
N ILE K 59 32.64 -12.40 -26.17
CA ILE K 59 32.22 -13.48 -27.06
C ILE K 59 31.00 -13.05 -27.84
N GLY K 60 30.07 -12.41 -27.16
CA GLY K 60 28.80 -11.98 -27.75
C GLY K 60 28.96 -10.91 -28.79
N ARG K 61 29.94 -10.03 -28.57
CA ARG K 61 30.27 -8.96 -29.51
C ARG K 61 30.81 -9.58 -30.80
N HIS K 62 31.66 -10.61 -30.68
CA HIS K 62 32.25 -11.34 -31.83
C HIS K 62 31.22 -12.08 -32.70
N LEU K 63 30.22 -12.68 -32.07
CA LEU K 63 29.16 -13.41 -32.79
C LEU K 63 27.83 -12.66 -32.99
N ASP K 64 27.69 -11.45 -32.46
CA ASP K 64 26.40 -10.71 -32.44
C ASP K 64 25.32 -11.51 -31.70
N LEU K 65 25.70 -12.04 -30.55
CA LEU K 65 24.78 -12.67 -29.63
C LEU K 65 24.84 -11.97 -28.29
N SER K 66 23.95 -12.31 -27.37
CA SER K 66 23.92 -11.76 -26.00
C SER K 66 23.69 -12.83 -24.95
N SER K 67 23.57 -12.44 -23.69
CA SER K 67 23.40 -13.39 -22.61
C SER K 67 22.15 -14.22 -22.76
N ASN K 68 21.08 -13.69 -23.35
CA ASN K 68 19.88 -14.48 -23.62
C ASN K 68 20.07 -15.79 -24.41
N THR K 69 21.13 -15.85 -25.21
CA THR K 69 21.57 -17.05 -25.93
C THR K 69 22.76 -17.67 -25.24
N LEU K 70 23.73 -16.83 -24.88
CA LEU K 70 25.01 -17.32 -24.37
C LEU K 70 25.05 -17.80 -22.94
N THR K 71 24.22 -17.25 -22.05
CA THR K 71 24.15 -17.75 -20.66
C THR K 71 23.82 -19.25 -20.56
N PRO K 72 22.65 -19.68 -21.07
CA PRO K 72 22.35 -21.10 -21.04
C PRO K 72 23.26 -21.99 -21.87
N MET K 73 23.93 -21.42 -22.84
CA MET K 73 24.75 -22.19 -23.75
C MET K 73 26.18 -22.37 -23.29
N LEU K 74 26.72 -21.40 -22.56
CA LEU K 74 28.01 -21.58 -21.91
C LEU K 74 27.91 -22.53 -20.71
N LYS K 75 26.74 -22.62 -20.09
CA LYS K 75 26.49 -23.64 -19.06
C LYS K 75 26.57 -25.04 -19.63
N ARG K 76 26.10 -25.23 -20.86
CA ARG K 76 26.17 -26.54 -21.50
C ARG K 76 27.61 -26.94 -21.74
N LEU K 77 28.37 -26.04 -22.36
CA LEU K 77 29.80 -26.24 -22.56
C LEU K 77 30.62 -26.50 -21.29
N GLU K 78 30.29 -25.83 -20.19
CA GLU K 78 30.89 -26.15 -18.89
C GLU K 78 30.51 -27.56 -18.43
N GLN K 79 29.22 -27.87 -18.47
CA GLN K 79 28.70 -29.19 -18.10
C GLN K 79 29.26 -30.36 -18.93
N SER K 80 29.70 -30.10 -20.16
CA SER K 80 30.35 -31.13 -20.99
C SER K 80 31.89 -31.01 -21.01
N GLY K 81 32.45 -30.20 -20.10
CA GLY K 81 33.88 -30.14 -19.86
C GLY K 81 34.79 -29.39 -20.83
N TRP K 82 34.22 -28.46 -21.58
CA TRP K 82 34.98 -27.63 -22.52
C TRP K 82 35.44 -26.28 -21.93
N VAL K 83 34.64 -25.69 -21.02
CA VAL K 83 34.99 -24.37 -20.46
C VAL K 83 34.66 -24.29 -18.99
N LYS K 84 35.25 -23.26 -18.38
CA LYS K 84 35.06 -22.90 -16.98
C LYS K 84 34.34 -21.54 -16.94
N ARG K 85 33.26 -21.50 -16.17
CA ARG K 85 32.58 -20.24 -15.90
C ARG K 85 32.96 -19.74 -14.51
N GLU K 86 33.55 -18.55 -14.41
CA GLU K 86 33.86 -17.98 -13.09
C GLU K 86 33.72 -16.48 -13.07
N ARG K 87 33.28 -15.96 -11.92
CA ARG K 87 33.09 -14.53 -11.71
C ARG K 87 34.43 -13.79 -11.59
N GLN K 88 34.44 -12.57 -12.09
CA GLN K 88 35.59 -11.70 -11.96
C GLN K 88 35.57 -11.04 -10.57
N GLN K 89 36.62 -11.25 -9.76
CA GLN K 89 36.74 -10.59 -8.43
C GLN K 89 36.69 -9.04 -8.56
N SER K 90 37.59 -8.50 -9.39
CA SER K 90 37.57 -7.09 -9.81
C SER K 90 36.14 -6.47 -9.99
N ASP K 91 35.27 -7.17 -10.73
CA ASP K 91 33.91 -6.73 -11.09
C ASP K 91 32.94 -7.92 -11.07
N LYS K 92 32.29 -8.18 -9.93
CA LYS K 92 31.45 -9.38 -9.75
C LYS K 92 30.15 -9.47 -10.58
N ARG K 93 29.81 -8.43 -11.37
CA ARG K 93 28.81 -8.56 -12.44
C ARG K 93 29.30 -9.49 -13.56
N GLN K 94 30.60 -9.40 -13.86
CA GLN K 94 31.18 -9.93 -15.09
C GLN K 94 31.34 -11.44 -14.98
N LEU K 95 31.43 -12.12 -16.13
CA LEU K 95 31.59 -13.57 -16.17
C LEU K 95 32.66 -13.94 -17.18
N ILE K 96 33.70 -14.63 -16.69
CA ILE K 96 34.89 -15.00 -17.48
C ILE K 96 34.90 -16.47 -17.93
N ILE K 97 34.92 -16.64 -19.24
CA ILE K 97 34.95 -17.93 -19.86
C ILE K 97 36.40 -18.28 -20.18
N THR K 98 36.83 -19.42 -19.66
CA THR K 98 38.18 -19.92 -19.87
C THR K 98 38.09 -21.35 -20.38
N LEU K 99 38.78 -21.67 -21.49
CA LEU K 99 38.89 -23.07 -21.93
C LEU K 99 39.49 -23.96 -20.84
N THR K 100 39.01 -25.20 -20.71
CA THR K 100 39.69 -26.22 -19.92
C THR K 100 40.78 -26.84 -20.78
N ASP K 101 41.68 -27.59 -20.13
CA ASP K 101 42.76 -28.30 -20.85
C ASP K 101 42.10 -29.08 -21.98
N ASN K 102 41.15 -29.94 -21.60
CA ASN K 102 40.31 -30.72 -22.53
C ASN K 102 39.77 -29.94 -23.72
N GLY K 103 39.21 -28.77 -23.41
CA GLY K 103 38.68 -27.87 -24.43
C GLY K 103 39.73 -27.33 -25.37
N GLN K 104 40.88 -27.00 -24.79
CA GLN K 104 42.03 -26.47 -25.54
C GLN K 104 42.63 -27.57 -26.43
N GLN K 105 42.92 -28.71 -25.80
CA GLN K 105 43.55 -29.86 -26.47
C GLN K 105 42.78 -30.39 -27.68
N GLN K 106 41.46 -30.34 -27.60
CA GLN K 106 40.61 -31.02 -28.57
C GLN K 106 40.45 -30.24 -29.91
N GLN K 107 41.04 -29.05 -30.03
CA GLN K 107 40.85 -28.25 -31.23
C GLN K 107 41.32 -28.93 -32.51
N GLU K 108 42.47 -29.62 -32.43
CA GLU K 108 43.10 -30.23 -33.61
C GLU K 108 42.27 -31.40 -34.13
N ALA K 109 41.83 -32.23 -33.19
CA ALA K 109 40.90 -33.33 -33.48
C ALA K 109 39.59 -32.84 -34.19
N VAL K 110 39.03 -31.75 -33.65
CA VAL K 110 37.80 -31.15 -34.15
C VAL K 110 38.02 -30.58 -35.52
N PHE K 111 39.12 -29.87 -35.73
CA PHE K 111 39.41 -29.27 -37.05
C PHE K 111 39.66 -30.36 -38.11
N GLU K 112 40.33 -31.44 -37.72
CA GLU K 112 40.57 -32.55 -38.64
C GLU K 112 39.29 -33.24 -39.12
N ALA K 113 38.43 -33.59 -38.16
CA ALA K 113 37.12 -34.16 -38.44
C ALA K 113 36.38 -33.38 -39.53
N ILE K 114 36.39 -32.05 -39.43
CA ILE K 114 35.61 -31.16 -40.32
C ILE K 114 36.31 -31.04 -41.68
N SER K 115 37.63 -30.80 -41.61
CA SER K 115 38.47 -30.51 -42.78
C SER K 115 38.45 -31.66 -43.80
N SER K 116 38.55 -32.88 -43.27
CA SER K 116 38.61 -34.09 -44.10
C SER K 116 37.31 -34.45 -44.85
N CYS K 117 36.25 -33.66 -44.71
CA CYS K 117 35.02 -33.88 -45.49
C CYS K 117 34.78 -32.81 -46.55
N LEU K 118 35.71 -31.88 -46.75
CA LEU K 118 35.45 -30.66 -47.58
C LEU K 118 35.62 -30.86 -49.10
N TYR K 127 35.10 -19.85 -55.66
CA TYR K 127 34.62 -19.38 -54.36
C TYR K 127 35.32 -18.09 -53.89
N ASP K 128 36.23 -17.55 -54.70
CA ASP K 128 37.05 -16.37 -54.33
C ASP K 128 36.18 -15.12 -54.02
N GLU K 129 35.41 -14.71 -55.03
CA GLU K 129 34.54 -13.56 -54.92
C GLU K 129 33.33 -13.82 -54.00
N THR K 130 32.77 -15.04 -54.01
CA THR K 130 31.55 -15.34 -53.23
C THR K 130 31.57 -14.68 -51.86
N LYS K 131 32.60 -14.97 -51.06
CA LYS K 131 32.76 -14.38 -49.73
C LYS K 131 32.49 -12.86 -49.65
N TYR K 132 32.91 -12.13 -50.68
CA TYR K 132 32.61 -10.71 -50.82
C TYR K 132 31.09 -10.48 -50.93
N VAL K 133 30.40 -11.25 -51.77
CA VAL K 133 28.96 -11.08 -52.03
C VAL K 133 28.13 -11.19 -50.75
N PHE K 134 28.49 -12.18 -49.92
CA PHE K 134 27.89 -12.38 -48.58
C PHE K 134 28.23 -11.17 -47.71
N GLU K 135 29.53 -10.95 -47.48
CA GLU K 135 30.02 -9.84 -46.63
C GLU K 135 29.45 -8.46 -47.00
N GLU K 136 29.02 -8.27 -48.25
CA GLU K 136 28.34 -7.06 -48.66
C GLU K 136 26.86 -7.09 -48.29
N LEU K 137 26.15 -8.14 -48.67
CA LEU K 137 24.73 -8.30 -48.31
C LEU K 137 24.51 -8.19 -46.77
N GLU K 138 25.45 -8.74 -46.02
CA GLU K 138 25.45 -8.65 -44.57
C GLU K 138 25.36 -7.19 -44.14
N GLN K 139 26.23 -6.38 -44.72
CA GLN K 139 26.28 -4.94 -44.49
C GLN K 139 24.99 -4.21 -44.93
N THR K 140 24.50 -4.54 -46.12
CA THR K 140 23.26 -3.94 -46.65
C THR K 140 22.13 -4.16 -45.65
N LEU K 141 21.98 -5.40 -45.18
CA LEU K 141 20.95 -5.75 -44.22
C LEU K 141 21.14 -5.01 -42.87
N LYS K 142 22.36 -4.95 -42.35
CA LYS K 142 22.63 -4.21 -41.09
C LYS K 142 22.17 -2.75 -41.11
N HIS K 143 22.43 -2.05 -42.21
CA HIS K 143 21.94 -0.67 -42.36
C HIS K 143 20.44 -0.67 -42.55
N LEU K 144 19.90 -1.67 -43.23
CA LEU K 144 18.44 -1.79 -43.41
C LEU K 144 17.66 -2.06 -42.11
N ILE K 145 18.32 -2.60 -41.11
CA ILE K 145 17.71 -2.74 -39.80
C ILE K 145 18.14 -1.51 -39.03
N MET L 2 47.72 -24.67 -45.91
CA MET L 2 47.58 -25.94 -46.67
C MET L 2 46.10 -26.29 -46.64
N LYS L 3 45.74 -27.36 -45.92
CA LYS L 3 44.36 -27.75 -45.63
C LYS L 3 43.68 -26.75 -44.67
N GLN L 4 44.47 -26.19 -43.74
CA GLN L 4 44.04 -25.18 -42.72
C GLN L 4 43.52 -23.88 -43.31
N GLU L 5 43.98 -23.50 -44.49
CA GLU L 5 43.51 -22.29 -45.16
C GLU L 5 42.12 -22.52 -45.77
N GLN L 6 41.85 -23.76 -46.17
CA GLN L 6 40.55 -24.12 -46.72
C GLN L 6 39.46 -24.22 -45.63
N MET L 7 39.84 -24.61 -44.41
CA MET L 7 38.94 -24.56 -43.24
C MET L 7 38.55 -23.16 -42.84
N ARG L 8 39.52 -22.25 -42.84
CA ARG L 8 39.30 -20.86 -42.44
C ARG L 8 38.29 -20.15 -43.35
N LEU L 9 38.23 -20.59 -44.62
CA LEU L 9 37.23 -20.09 -45.57
C LEU L 9 35.85 -20.68 -45.27
N ALA L 10 35.81 -21.98 -45.00
CA ALA L 10 34.56 -22.69 -44.69
C ALA L 10 33.97 -22.18 -43.39
N ASN L 11 34.83 -21.88 -42.41
CA ASN L 11 34.38 -21.27 -41.15
C ASN L 11 33.88 -19.83 -41.29
N GLN L 12 34.54 -19.03 -42.11
CA GLN L 12 34.09 -17.66 -42.30
C GLN L 12 33.03 -17.59 -43.40
N LEU L 13 32.57 -18.76 -43.82
CA LEU L 13 31.43 -18.89 -44.74
C LEU L 13 30.16 -19.41 -44.08
N OCS L 14 30.28 -20.41 -43.17
CA OCS L 14 29.17 -20.85 -42.25
CB OCS L 14 29.55 -21.82 -41.07
SG OCS L 14 28.49 -21.96 -39.71
C OCS L 14 28.71 -19.52 -41.75
O OCS L 14 27.63 -19.05 -42.10
OD1 OCS L 14 28.97 -22.77 -38.63
OD2 OCS L 14 27.06 -22.50 -40.30
OD3 OCS L 14 28.28 -20.84 -38.87
N PHE L 15 29.60 -18.91 -40.97
CA PHE L 15 29.38 -17.67 -40.27
C PHE L 15 28.66 -16.60 -41.05
N SER L 16 29.26 -16.24 -42.18
CA SER L 16 28.71 -15.20 -43.02
C SER L 16 27.23 -15.52 -43.40
N ALA L 17 26.94 -16.78 -43.73
CA ALA L 17 25.57 -17.19 -44.08
C ALA L 17 24.66 -17.21 -42.88
N TYR L 18 25.23 -17.57 -41.73
CA TYR L 18 24.54 -17.56 -40.44
C TYR L 18 24.09 -16.15 -40.09
N ASN L 19 24.95 -15.15 -40.28
CA ASN L 19 24.59 -13.76 -40.03
C ASN L 19 23.54 -13.22 -40.99
N VAL L 20 23.55 -13.67 -42.24
CA VAL L 20 22.64 -13.12 -43.26
C VAL L 20 21.18 -13.51 -43.06
N SER L 21 20.93 -14.78 -42.82
CA SER L 21 19.56 -15.28 -42.68
C SER L 21 18.92 -14.69 -41.43
N ARG L 22 19.72 -14.49 -40.38
CA ARG L 22 19.20 -13.87 -39.19
C ARG L 22 18.87 -12.40 -39.40
N LEU L 23 19.82 -11.68 -39.98
CA LEU L 23 19.61 -10.30 -40.38
C LEU L 23 18.36 -10.24 -41.25
N PHE L 24 18.24 -11.20 -42.13
CA PHE L 24 17.09 -11.26 -43.01
C PHE L 24 15.82 -11.52 -42.24
N ALA L 25 15.94 -12.41 -41.27
CA ALA L 25 14.80 -12.82 -40.41
C ALA L 25 14.30 -11.65 -39.55
N GLN L 26 15.26 -10.91 -38.99
CA GLN L 26 14.94 -9.72 -38.26
C GLN L 26 14.16 -8.77 -39.10
N PHE L 27 14.67 -8.57 -40.32
CA PHE L 27 14.06 -7.64 -41.24
C PHE L 27 12.61 -8.00 -41.48
N TYR L 28 12.34 -9.26 -41.82
CA TYR L 28 10.98 -9.65 -42.16
C TYR L 28 10.11 -9.61 -40.95
N GLU L 29 10.64 -9.97 -39.78
CA GLU L 29 9.78 -9.93 -38.59
C GLU L 29 9.41 -8.56 -38.08
N LYS L 30 10.24 -7.58 -38.39
CA LYS L 30 9.94 -6.18 -38.11
C LYS L 30 8.69 -5.83 -38.86
N LYS L 31 8.68 -6.12 -40.15
CA LYS L 31 7.63 -5.64 -41.02
C LYS L 31 6.32 -6.41 -40.87
N LEU L 32 6.44 -7.70 -40.59
CA LEU L 32 5.28 -8.59 -40.44
C LEU L 32 4.56 -8.48 -39.09
N LYS L 33 5.26 -7.91 -38.09
CA LYS L 33 4.77 -7.75 -36.71
C LYS L 33 3.37 -7.25 -36.68
N GLN L 34 3.04 -6.37 -37.59
CA GLN L 34 1.66 -5.92 -37.70
C GLN L 34 0.60 -6.88 -38.25
N PHE L 35 1.01 -8.02 -38.79
CA PHE L 35 0.05 -9.05 -39.28
C PHE L 35 -0.02 -10.20 -38.31
N GLY L 36 0.82 -10.13 -37.28
CA GLY L 36 0.84 -11.15 -36.26
C GLY L 36 1.38 -12.50 -36.70
N ILE L 37 2.30 -12.50 -37.66
CA ILE L 37 2.86 -13.72 -38.23
C ILE L 37 4.35 -13.59 -38.18
N THR L 38 5.03 -14.73 -38.15
CA THR L 38 6.50 -14.86 -38.13
C THR L 38 7.01 -15.09 -39.51
N TYR L 39 8.31 -15.03 -39.68
CA TYR L 39 8.88 -15.23 -41.02
C TYR L 39 8.82 -16.62 -41.59
N SER L 40 8.80 -17.63 -40.74
CA SER L 40 8.58 -19.01 -41.18
C SER L 40 7.13 -19.19 -41.58
N GLN L 41 6.20 -18.54 -40.88
CA GLN L 41 4.78 -18.54 -41.28
C GLN L 41 4.54 -17.88 -42.62
N TYR L 42 5.30 -16.81 -42.86
CA TYR L 42 5.24 -16.06 -44.11
C TYR L 42 5.71 -16.94 -45.24
N LEU L 43 6.84 -17.64 -45.07
CA LEU L 43 7.28 -18.64 -46.04
C LEU L 43 6.21 -19.66 -46.41
N VAL L 44 5.51 -20.20 -45.42
CA VAL L 44 4.41 -21.10 -45.71
C VAL L 44 3.35 -20.39 -46.54
N LEU L 45 2.95 -19.21 -46.10
CA LEU L 45 1.94 -18.48 -46.83
C LEU L 45 2.38 -18.15 -48.27
N LEU L 46 3.67 -17.85 -48.51
CA LEU L 46 4.17 -17.65 -49.88
C LEU L 46 3.88 -18.81 -50.80
N THR L 47 3.95 -20.04 -50.28
CA THR L 47 3.70 -21.24 -51.09
C THR L 47 2.20 -21.43 -51.33
N LEU L 48 1.38 -21.13 -50.33
CA LEU L 48 -0.07 -21.22 -50.50
C LEU L 48 -0.60 -20.13 -51.45
N TRP L 49 0.00 -18.95 -51.39
CA TRP L 49 -0.37 -17.87 -52.32
C TRP L 49 -0.04 -18.23 -53.77
N GLU L 50 1.03 -19.00 -54.01
CA GLU L 50 1.32 -19.57 -55.36
C GLU L 50 0.51 -20.80 -55.72
N GLU L 51 0.15 -21.66 -54.75
CA GLU L 51 -0.68 -22.83 -55.00
C GLU L 51 -1.53 -23.19 -53.81
N ASN L 52 -2.85 -23.13 -53.94
CA ASN L 52 -3.78 -23.41 -52.82
C ASN L 52 -5.02 -24.20 -53.32
N PRO L 53 -5.45 -25.27 -52.66
CA PRO L 53 -4.86 -25.82 -51.43
C PRO L 53 -3.62 -26.65 -51.69
N GLN L 54 -2.99 -27.10 -50.63
CA GLN L 54 -1.85 -28.04 -50.68
C GLN L 54 -1.91 -28.91 -49.45
N THR L 55 -1.13 -30.00 -49.48
CA THR L 55 -1.04 -30.94 -48.35
C THR L 55 0.18 -30.55 -47.54
N LEU L 56 0.13 -30.76 -46.24
CA LEU L 56 1.27 -30.44 -45.42
C LEU L 56 2.56 -30.93 -46.07
N ASN L 57 2.63 -32.20 -46.44
CA ASN L 57 3.88 -32.75 -47.04
C ASN L 57 4.34 -32.07 -48.33
N SER L 58 3.39 -31.54 -49.08
CA SER L 58 3.69 -30.77 -50.26
C SER L 58 4.40 -29.47 -49.88
N ILE L 59 3.82 -28.76 -48.88
CA ILE L 59 4.40 -27.51 -48.37
C ILE L 59 5.81 -27.81 -47.92
N GLY L 60 5.96 -28.91 -47.21
CA GLY L 60 7.22 -29.30 -46.67
C GLY L 60 8.28 -29.56 -47.71
N ARG L 61 7.84 -30.03 -48.86
CA ARG L 61 8.73 -30.34 -49.96
C ARG L 61 9.26 -29.06 -50.57
N HIS L 62 8.38 -28.07 -50.72
CA HIS L 62 8.77 -26.73 -51.20
C HIS L 62 9.80 -26.00 -50.31
N LEU L 63 9.67 -26.13 -48.99
CA LEU L 63 10.52 -25.47 -47.99
C LEU L 63 11.65 -26.33 -47.40
N ASP L 64 11.70 -27.60 -47.78
CA ASP L 64 12.57 -28.59 -47.16
C ASP L 64 12.30 -28.67 -45.66
N LEU L 65 11.02 -28.75 -45.28
CA LEU L 65 10.60 -28.87 -43.90
C LEU L 65 9.64 -30.06 -43.77
N SER L 66 9.40 -30.52 -42.55
CA SER L 66 8.57 -31.69 -42.27
C SER L 66 7.60 -31.42 -41.14
N SER L 67 6.74 -32.37 -40.84
CA SER L 67 5.68 -32.19 -39.85
C SER L 67 6.21 -31.82 -38.48
N ASN L 68 7.47 -32.12 -38.20
CA ASN L 68 8.06 -31.72 -36.90
C ASN L 68 8.15 -30.24 -36.73
N THR L 69 8.18 -29.51 -37.84
CA THR L 69 8.13 -28.06 -37.84
C THR L 69 6.75 -27.54 -38.18
N LEU L 70 6.19 -28.07 -39.27
CA LEU L 70 4.94 -27.60 -39.84
C LEU L 70 3.69 -27.94 -39.06
N THR L 71 3.66 -29.03 -38.32
CA THR L 71 2.43 -29.44 -37.62
C THR L 71 2.04 -28.42 -36.59
N PRO L 72 2.98 -28.04 -35.71
CA PRO L 72 2.63 -27.01 -34.72
C PRO L 72 2.46 -25.61 -35.31
N MET L 73 3.17 -25.35 -36.40
CA MET L 73 3.16 -24.05 -37.03
C MET L 73 1.95 -23.78 -37.91
N LEU L 74 1.42 -24.80 -38.56
CA LEU L 74 0.15 -24.67 -39.27
C LEU L 74 -0.99 -24.51 -38.30
N LYS L 75 -0.88 -25.11 -37.12
CA LYS L 75 -1.85 -24.88 -36.06
C LYS L 75 -1.92 -23.41 -35.64
N ARG L 76 -0.77 -22.75 -35.56
CA ARG L 76 -0.73 -21.35 -35.20
C ARG L 76 -1.38 -20.50 -36.26
N LEU L 77 -1.15 -20.81 -37.53
CA LEU L 77 -1.80 -20.07 -38.64
C LEU L 77 -3.27 -20.31 -38.64
N GLU L 78 -3.72 -21.50 -38.24
CA GLU L 78 -5.15 -21.81 -38.21
C GLU L 78 -5.80 -21.01 -37.10
N GLN L 79 -5.22 -21.09 -35.93
CA GLN L 79 -5.67 -20.31 -34.80
C GLN L 79 -5.79 -18.82 -35.08
N SER L 80 -4.86 -18.26 -35.86
CA SER L 80 -4.84 -16.81 -36.21
C SER L 80 -5.70 -16.39 -37.42
N GLY L 81 -6.38 -17.36 -38.03
CA GLY L 81 -7.36 -17.10 -39.07
C GLY L 81 -6.83 -17.09 -40.50
N TRP L 82 -5.57 -17.50 -40.73
CA TRP L 82 -5.01 -17.52 -42.08
C TRP L 82 -5.32 -18.78 -42.89
N VAL L 83 -5.37 -19.95 -42.26
CA VAL L 83 -5.62 -21.21 -43.00
C VAL L 83 -6.62 -22.09 -42.28
N LYS L 84 -7.15 -23.04 -43.04
CA LYS L 84 -8.02 -24.10 -42.54
C LYS L 84 -7.21 -25.37 -42.63
N ARG L 85 -7.29 -26.23 -41.61
CA ARG L 85 -6.64 -27.56 -41.57
C ARG L 85 -7.73 -28.60 -41.57
N GLU L 86 -7.74 -29.50 -42.55
CA GLU L 86 -8.75 -30.57 -42.62
C GLU L 86 -8.19 -31.86 -43.20
N ARG L 87 -8.80 -32.97 -42.79
CA ARG L 87 -8.39 -34.32 -43.23
C ARG L 87 -9.02 -34.73 -44.54
N GLN L 88 -8.21 -35.27 -45.44
CA GLN L 88 -8.68 -35.74 -46.75
C GLN L 88 -9.61 -36.92 -46.49
N GLN L 89 -10.79 -36.90 -47.08
CA GLN L 89 -11.72 -38.03 -47.03
C GLN L 89 -11.15 -39.28 -47.76
N SER L 90 -10.76 -39.08 -49.03
CA SER L 90 -9.96 -40.03 -49.86
C SER L 90 -8.79 -40.80 -49.16
N ASP L 91 -8.00 -40.10 -48.33
CA ASP L 91 -6.85 -40.69 -47.61
C ASP L 91 -6.68 -40.01 -46.25
N LYS L 92 -7.24 -40.63 -45.20
CA LYS L 92 -7.37 -40.01 -43.86
C LYS L 92 -6.07 -39.76 -43.10
N ARG L 93 -4.95 -40.26 -43.64
CA ARG L 93 -3.62 -39.88 -43.14
C ARG L 93 -3.19 -38.50 -43.57
N GLN L 94 -3.77 -37.99 -44.66
CA GLN L 94 -3.35 -36.73 -45.26
C GLN L 94 -4.02 -35.52 -44.55
N LEU L 95 -3.32 -34.37 -44.63
CA LEU L 95 -3.83 -33.11 -44.09
C LEU L 95 -3.76 -32.00 -45.15
N ILE L 96 -4.92 -31.42 -45.44
CA ILE L 96 -5.03 -30.42 -46.49
C ILE L 96 -5.12 -29.02 -45.89
N ILE L 97 -4.18 -28.16 -46.29
CA ILE L 97 -4.11 -26.77 -45.87
C ILE L 97 -4.81 -25.95 -46.95
N THR L 98 -5.80 -25.16 -46.53
CA THR L 98 -6.52 -24.24 -47.44
C THR L 98 -6.49 -22.83 -46.85
N LEU L 99 -6.12 -21.84 -47.65
CA LEU L 99 -6.23 -20.43 -47.21
C LEU L 99 -7.68 -20.10 -46.91
N THR L 100 -7.90 -19.32 -45.87
CA THR L 100 -9.20 -18.73 -45.60
C THR L 100 -9.31 -17.52 -46.48
N ASP L 101 -10.52 -16.96 -46.56
CA ASP L 101 -10.75 -15.74 -47.35
C ASP L 101 -9.81 -14.62 -46.89
N ASN L 102 -9.79 -14.40 -45.58
CA ASN L 102 -8.86 -13.44 -44.97
C ASN L 102 -7.40 -13.70 -45.28
N GLY L 103 -7.00 -14.97 -45.22
CA GLY L 103 -5.63 -15.38 -45.51
C GLY L 103 -5.25 -15.17 -46.95
N GLN L 104 -6.27 -15.25 -47.83
CA GLN L 104 -6.13 -14.97 -49.28
C GLN L 104 -6.04 -13.45 -49.52
N GLN L 105 -7.07 -12.75 -49.05
CA GLN L 105 -7.20 -11.29 -49.22
C GLN L 105 -6.02 -10.44 -48.73
N GLN L 106 -5.42 -10.84 -47.63
CA GLN L 106 -4.40 -10.04 -47.02
C GLN L 106 -3.07 -10.06 -47.78
N GLN L 107 -2.97 -10.77 -48.91
CA GLN L 107 -1.68 -10.92 -49.60
C GLN L 107 -1.08 -9.61 -50.06
N GLU L 108 -1.95 -8.81 -50.64
CA GLU L 108 -1.51 -7.51 -51.14
C GLU L 108 -0.90 -6.69 -49.99
N ALA L 109 -1.70 -6.53 -48.92
CA ALA L 109 -1.34 -5.71 -47.74
C ALA L 109 -0.01 -6.09 -47.14
N VAL L 110 0.19 -7.41 -47.06
CA VAL L 110 1.44 -7.97 -46.59
C VAL L 110 2.60 -7.63 -47.51
N PHE L 111 2.39 -7.79 -48.82
CA PHE L 111 3.44 -7.50 -49.80
C PHE L 111 3.85 -6.03 -49.82
N GLU L 112 2.86 -5.12 -49.78
CA GLU L 112 3.12 -3.68 -49.69
C GLU L 112 3.96 -3.31 -48.49
N ALA L 113 3.57 -3.84 -47.33
CA ALA L 113 4.26 -3.56 -46.07
C ALA L 113 5.75 -3.88 -46.07
N ILE L 114 6.10 -4.93 -46.79
CA ILE L 114 7.48 -5.37 -46.91
C ILE L 114 8.13 -4.51 -47.99
N SER L 115 7.48 -4.45 -49.17
CA SER L 115 8.08 -3.88 -50.40
C SER L 115 8.50 -2.43 -50.23
N SER L 116 7.65 -1.65 -49.56
CA SER L 116 7.94 -0.25 -49.26
C SER L 116 9.07 -0.01 -48.23
N CYS L 117 9.80 -1.03 -47.79
CA CYS L 117 10.96 -0.81 -46.94
C CYS L 117 12.23 -1.34 -47.58
N LEU L 118 12.18 -1.63 -48.88
CA LEU L 118 13.35 -2.16 -49.58
C LEU L 118 14.15 -0.99 -50.16
N PRO L 119 15.49 -1.08 -50.18
CA PRO L 119 16.36 0.06 -50.56
C PRO L 119 16.26 0.46 -52.04
N ASP L 128 21.24 -9.14 -58.82
CA ASP L 128 20.85 -10.19 -59.78
C ASP L 128 21.80 -11.39 -59.75
N GLU L 129 23.10 -11.12 -59.83
CA GLU L 129 24.15 -12.15 -59.79
C GLU L 129 24.48 -12.64 -58.38
N THR L 130 23.94 -11.99 -57.34
CA THR L 130 24.02 -12.50 -55.97
C THR L 130 23.23 -13.83 -55.83
N LYS L 131 21.98 -13.85 -56.32
CA LYS L 131 21.12 -15.04 -56.30
C LYS L 131 21.75 -16.31 -56.92
N TYR L 132 22.55 -16.12 -57.97
CA TYR L 132 23.30 -17.20 -58.60
C TYR L 132 24.28 -17.82 -57.59
N VAL L 133 25.06 -16.97 -56.92
CA VAL L 133 26.08 -17.43 -55.95
C VAL L 133 25.44 -18.32 -54.89
N PHE L 134 24.37 -17.80 -54.28
CA PHE L 134 23.65 -18.52 -53.24
C PHE L 134 23.18 -19.86 -53.77
N GLU L 135 22.37 -19.83 -54.84
CA GLU L 135 21.83 -21.07 -55.50
C GLU L 135 22.87 -22.14 -55.91
N GLU L 136 24.12 -21.72 -56.12
CA GLU L 136 25.22 -22.65 -56.36
C GLU L 136 25.73 -23.26 -55.06
N LEU L 137 26.09 -22.41 -54.08
CA LEU L 137 26.53 -22.85 -52.76
C LEU L 137 25.53 -23.80 -52.10
N GLU L 138 24.26 -23.50 -52.27
CA GLU L 138 23.16 -24.38 -51.84
C GLU L 138 23.30 -25.79 -52.37
N GLN L 139 23.59 -25.92 -53.67
CA GLN L 139 23.80 -27.22 -54.29
C GLN L 139 25.12 -27.88 -53.88
N THR L 140 26.20 -27.10 -53.72
CA THR L 140 27.51 -27.66 -53.25
C THR L 140 27.33 -28.33 -51.90
N LEU L 141 26.60 -27.66 -51.00
CA LEU L 141 26.33 -28.16 -49.65
C LEU L 141 25.41 -29.36 -49.69
N LYS L 142 24.43 -29.39 -50.58
CA LYS L 142 23.54 -30.56 -50.69
C LYS L 142 24.28 -31.86 -51.02
N HIS L 143 25.19 -31.81 -51.99
CA HIS L 143 26.03 -32.97 -52.37
C HIS L 143 27.00 -33.37 -51.26
N LEU L 144 27.49 -32.39 -50.51
CA LEU L 144 28.42 -32.62 -49.37
C LEU L 144 27.77 -33.32 -48.14
N ILE L 145 26.45 -33.26 -48.01
CA ILE L 145 25.75 -33.86 -46.87
C ILE L 145 25.51 -35.36 -47.08
N ALA M 1 -35.88 -60.34 31.10
CA ALA M 1 -35.22 -61.62 30.68
C ALA M 1 -35.90 -62.26 29.47
N MET M 2 -37.22 -62.40 29.56
CA MET M 2 -38.02 -62.97 28.45
C MET M 2 -39.36 -62.26 28.20
N LYS M 3 -40.12 -62.11 29.26
CA LYS M 3 -41.35 -61.33 29.24
C LYS M 3 -41.06 -59.84 28.93
N GLN M 4 -39.95 -59.29 29.46
CA GLN M 4 -39.50 -57.89 29.20
C GLN M 4 -38.84 -57.68 27.85
N GLU M 5 -38.12 -58.70 27.35
CA GLU M 5 -37.47 -58.65 26.02
C GLU M 5 -38.41 -58.90 24.84
N GLN M 6 -39.52 -59.58 25.09
CA GLN M 6 -40.56 -59.76 24.09
C GLN M 6 -41.46 -58.49 23.96
N MET M 7 -41.51 -57.67 25.01
CA MET M 7 -42.16 -56.35 24.95
C MET M 7 -41.33 -55.31 24.24
N ARG M 8 -40.01 -55.39 24.34
CA ARG M 8 -39.14 -54.43 23.64
C ARG M 8 -39.23 -54.70 22.14
N LEU M 9 -39.39 -55.97 21.78
CA LEU M 9 -39.48 -56.42 20.39
C LEU M 9 -40.82 -56.04 19.77
N ALA M 10 -41.91 -56.19 20.52
CA ALA M 10 -43.23 -55.70 20.07
C ALA M 10 -43.28 -54.19 19.95
N ASN M 11 -42.57 -53.47 20.80
CA ASN M 11 -42.58 -52.02 20.75
C ASN M 11 -41.79 -51.53 19.58
N GLN M 12 -40.59 -52.03 19.37
CA GLN M 12 -39.87 -51.61 18.16
C GLN M 12 -40.41 -52.22 16.86
N LEU M 13 -41.51 -52.98 16.89
CA LEU M 13 -42.33 -53.29 15.71
C LEU M 13 -43.63 -52.48 15.53
N OCS M 14 -44.36 -52.06 16.59
CA OCS M 14 -45.49 -51.09 16.45
CB OCS M 14 -46.21 -50.57 17.75
SG OCS M 14 -46.95 -48.99 17.91
C OCS M 14 -44.81 -49.94 15.75
O OCS M 14 -45.26 -49.50 14.70
OD1 OCS M 14 -45.90 -47.77 17.80
OD2 OCS M 14 -48.14 -48.87 17.12
OD3 OCS M 14 -47.28 -48.47 19.18
N PHE M 15 -43.69 -49.50 16.29
CA PHE M 15 -43.10 -48.26 15.85
C PHE M 15 -42.60 -48.35 14.42
N SER M 16 -41.98 -49.47 14.09
CA SER M 16 -41.39 -49.64 12.77
C SER M 16 -42.46 -49.65 11.72
N ALA M 17 -43.50 -50.44 11.93
CA ALA M 17 -44.62 -50.47 11.00
C ALA M 17 -45.32 -49.12 10.93
N TYR M 18 -45.47 -48.46 12.06
CA TYR M 18 -46.02 -47.11 12.14
C TYR M 18 -45.22 -46.12 11.33
N ASN M 19 -43.91 -46.28 11.27
CA ASN M 19 -43.08 -45.47 10.37
C ASN M 19 -43.20 -45.84 8.89
N VAL M 20 -43.39 -47.11 8.58
CA VAL M 20 -43.53 -47.54 7.22
C VAL M 20 -44.84 -47.11 6.62
N SER M 21 -45.95 -47.39 7.28
CA SER M 21 -47.24 -47.01 6.73
C SER M 21 -47.42 -45.50 6.53
N ARG M 22 -46.76 -44.71 7.38
CA ARG M 22 -46.69 -43.24 7.22
C ARG M 22 -45.92 -42.78 5.99
N LEU M 23 -44.74 -43.34 5.77
CA LEU M 23 -43.93 -43.04 4.58
C LEU M 23 -44.56 -43.56 3.28
N PHE M 24 -45.08 -44.77 3.30
CA PHE M 24 -45.86 -45.25 2.16
C PHE M 24 -47.04 -44.36 1.83
N ALA M 25 -47.59 -43.69 2.82
CA ALA M 25 -48.74 -42.80 2.61
C ALA M 25 -48.30 -41.43 2.15
N GLN M 26 -47.20 -40.92 2.70
CA GLN M 26 -46.60 -39.65 2.22
C GLN M 26 -46.31 -39.73 0.72
N PHE M 27 -45.67 -40.83 0.36
CA PHE M 27 -45.27 -41.11 -1.02
C PHE M 27 -46.44 -41.08 -2.00
N TYR M 28 -47.44 -41.90 -1.79
CA TYR M 28 -48.61 -41.88 -2.64
C TYR M 28 -49.31 -40.52 -2.66
N GLU M 29 -49.38 -39.79 -1.54
CA GLU M 29 -50.06 -38.47 -1.57
C GLU M 29 -49.29 -37.42 -2.35
N LYS M 30 -47.97 -37.55 -2.41
CA LYS M 30 -47.10 -36.70 -3.25
C LYS M 30 -47.46 -36.87 -4.77
N LYS M 31 -47.58 -38.12 -5.22
CA LYS M 31 -47.86 -38.44 -6.60
C LYS M 31 -49.34 -38.21 -6.96
N LEU M 32 -50.23 -38.42 -6.00
CA LEU M 32 -51.65 -38.28 -6.26
C LEU M 32 -52.20 -36.87 -6.13
N LYS M 33 -51.40 -35.96 -5.56
CA LYS M 33 -51.83 -34.58 -5.28
C LYS M 33 -52.44 -33.94 -6.52
N GLN M 34 -51.75 -34.09 -7.65
CA GLN M 34 -52.21 -33.59 -8.96
C GLN M 34 -53.55 -34.09 -9.46
N PHE M 35 -54.02 -35.25 -9.02
CA PHE M 35 -55.35 -35.73 -9.41
C PHE M 35 -56.43 -35.35 -8.43
N GLY M 36 -56.01 -34.75 -7.31
CA GLY M 36 -56.93 -34.27 -6.28
C GLY M 36 -57.60 -35.34 -5.45
N ILE M 37 -56.87 -36.45 -5.23
CA ILE M 37 -57.35 -37.56 -4.42
C ILE M 37 -56.32 -37.99 -3.39
N THR M 38 -56.82 -38.50 -2.27
CA THR M 38 -55.98 -38.91 -1.12
C THR M 38 -55.62 -40.36 -1.34
N TYR M 39 -54.65 -40.87 -0.59
CA TYR M 39 -54.32 -42.31 -0.67
C TYR M 39 -55.48 -43.27 -0.30
N SER M 40 -56.24 -42.99 0.74
CA SER M 40 -57.42 -43.82 1.06
C SER M 40 -58.50 -43.79 -0.03
N GLN M 41 -58.62 -42.67 -0.72
CA GLN M 41 -59.48 -42.60 -1.87
C GLN M 41 -58.90 -43.41 -3.03
N TYR M 42 -57.57 -43.43 -3.14
CA TYR M 42 -56.90 -44.26 -4.12
C TYR M 42 -57.14 -45.70 -3.86
N LEU M 43 -57.15 -46.08 -2.59
CA LEU M 43 -57.44 -47.46 -2.24
C LEU M 43 -58.84 -47.85 -2.65
N VAL M 44 -59.81 -47.02 -2.33
CA VAL M 44 -61.17 -47.32 -2.75
C VAL M 44 -61.19 -47.49 -4.27
N LEU M 45 -60.44 -46.64 -4.97
CA LEU M 45 -60.48 -46.65 -6.43
C LEU M 45 -59.88 -47.94 -6.94
N LEU M 46 -58.74 -48.34 -6.39
CA LEU M 46 -58.17 -49.64 -6.78
C LEU M 46 -59.17 -50.80 -6.77
N THR M 47 -60.13 -50.78 -5.84
CA THR M 47 -61.09 -51.86 -5.70
C THR M 47 -62.15 -51.75 -6.77
N LEU M 48 -62.51 -50.52 -7.16
CA LEU M 48 -63.52 -50.31 -8.21
C LEU M 48 -62.90 -50.64 -9.57
N TRP M 49 -61.65 -50.23 -9.79
CA TRP M 49 -60.96 -50.56 -11.03
C TRP M 49 -60.78 -52.05 -11.24
N GLU M 50 -60.84 -52.85 -10.18
CA GLU M 50 -60.85 -54.33 -10.27
C GLU M 50 -62.22 -54.96 -10.23
N GLU M 51 -63.23 -54.24 -9.75
CA GLU M 51 -64.62 -54.73 -9.84
C GLU M 51 -65.57 -53.57 -9.73
N ASN M 52 -66.33 -53.27 -10.78
CA ASN M 52 -67.26 -52.13 -10.77
C ASN M 52 -68.58 -52.56 -11.40
N PRO M 53 -69.73 -52.23 -10.82
CA PRO M 53 -69.90 -51.49 -9.58
C PRO M 53 -69.73 -52.35 -8.36
N GLN M 54 -69.82 -51.72 -7.20
CA GLN M 54 -69.80 -52.42 -5.91
C GLN M 54 -70.67 -51.69 -4.94
N THR M 55 -71.03 -52.39 -3.87
CA THR M 55 -71.79 -51.80 -2.76
C THR M 55 -70.77 -51.28 -1.76
N LEU M 56 -71.16 -50.29 -0.96
CA LEU M 56 -70.22 -49.71 0.02
C LEU M 56 -69.68 -50.79 0.94
N ASN M 57 -70.61 -51.58 1.47
CA ASN M 57 -70.31 -52.77 2.24
C ASN M 57 -69.26 -53.69 1.62
N SER M 58 -69.33 -53.89 0.32
CA SER M 58 -68.36 -54.72 -0.42
C SER M 58 -66.97 -54.10 -0.46
N ILE M 59 -66.90 -52.80 -0.70
CA ILE M 59 -65.66 -52.04 -0.65
C ILE M 59 -65.04 -52.14 0.73
N GLY M 60 -65.89 -52.03 1.73
CA GLY M 60 -65.48 -52.10 3.11
C GLY M 60 -64.84 -53.42 3.45
N ARG M 61 -65.45 -54.50 2.96
CA ARG M 61 -64.91 -55.84 3.16
C ARG M 61 -63.53 -56.01 2.50
N HIS M 62 -63.33 -55.44 1.32
CA HIS M 62 -62.01 -55.50 0.70
C HIS M 62 -60.91 -54.74 1.43
N LEU M 63 -61.26 -53.63 2.08
CA LEU M 63 -60.26 -52.77 2.75
C LEU M 63 -60.21 -52.86 4.28
N ASP M 64 -61.12 -53.66 4.85
CA ASP M 64 -61.37 -53.74 6.28
C ASP M 64 -61.81 -52.40 6.83
N LEU M 65 -62.76 -51.74 6.19
CA LEU M 65 -63.32 -50.47 6.65
C LEU M 65 -64.82 -50.55 6.69
N SER M 66 -65.47 -49.54 7.26
CA SER M 66 -66.93 -49.49 7.36
C SER M 66 -67.52 -48.11 6.94
N SER M 67 -68.83 -47.95 7.14
CA SER M 67 -69.51 -46.72 6.77
C SER M 67 -69.09 -45.50 7.58
N ASN M 68 -68.50 -45.70 8.74
CA ASN M 68 -67.96 -44.58 9.50
C ASN M 68 -66.79 -43.82 8.80
N THR M 69 -66.03 -44.56 7.99
CA THR M 69 -64.99 -44.01 7.14
C THR M 69 -65.47 -43.82 5.72
N LEU M 70 -66.12 -44.84 5.13
CA LEU M 70 -66.50 -44.81 3.71
C LEU M 70 -67.66 -43.93 3.32
N THR M 71 -68.64 -43.73 4.17
CA THR M 71 -69.76 -42.81 3.84
C THR M 71 -69.30 -41.40 3.50
N PRO M 72 -68.50 -40.73 4.38
CA PRO M 72 -68.06 -39.40 4.06
C PRO M 72 -67.04 -39.37 2.97
N MET M 73 -66.31 -40.45 2.79
CA MET M 73 -65.22 -40.45 1.87
C MET M 73 -65.66 -40.76 0.49
N LEU M 74 -66.70 -41.58 0.33
CA LEU M 74 -67.30 -41.76 -0.99
C LEU M 74 -68.07 -40.51 -1.44
N LYS M 75 -68.57 -39.73 -0.50
CA LYS M 75 -69.15 -38.45 -0.84
C LYS M 75 -68.15 -37.48 -1.45
N ARG M 76 -66.91 -37.47 -0.99
CA ARG M 76 -65.86 -36.61 -1.58
C ARG M 76 -65.48 -37.07 -2.98
N LEU M 77 -65.40 -38.38 -3.19
CA LEU M 77 -65.10 -38.90 -4.52
C LEU M 77 -66.23 -38.60 -5.48
N GLU M 78 -67.48 -38.65 -5.03
CA GLU M 78 -68.63 -38.26 -5.87
C GLU M 78 -68.60 -36.79 -6.26
N GLN M 79 -68.43 -35.93 -5.26
CA GLN M 79 -68.29 -34.50 -5.46
C GLN M 79 -67.07 -34.13 -6.32
N SER M 80 -66.01 -34.95 -6.34
CA SER M 80 -64.84 -34.73 -7.21
C SER M 80 -64.97 -35.40 -8.58
N GLY M 81 -66.11 -36.06 -8.84
CA GLY M 81 -66.44 -36.59 -10.16
C GLY M 81 -65.87 -37.97 -10.52
N TRP M 82 -65.40 -38.72 -9.53
CA TRP M 82 -64.84 -40.05 -9.80
C TRP M 82 -65.88 -41.16 -9.63
N VAL M 83 -66.90 -40.95 -8.81
CA VAL M 83 -67.90 -41.98 -8.66
C VAL M 83 -69.31 -41.44 -8.59
N LYS M 84 -70.26 -42.37 -8.69
CA LYS M 84 -71.68 -42.10 -8.54
C LYS M 84 -72.16 -42.85 -7.32
N ARG M 85 -72.98 -42.20 -6.51
CA ARG M 85 -73.62 -42.86 -5.39
C ARG M 85 -75.10 -42.94 -5.75
N GLU M 86 -75.70 -44.12 -5.63
CA GLU M 86 -77.14 -44.28 -5.82
C GLU M 86 -77.72 -45.47 -5.06
N ARG M 87 -78.98 -45.36 -4.69
CA ARG M 87 -79.66 -46.42 -3.93
C ARG M 87 -80.01 -47.61 -4.83
N GLN M 88 -79.99 -48.79 -4.23
CA GLN M 88 -80.47 -50.02 -4.88
C GLN M 88 -81.99 -50.05 -4.75
N GLN M 89 -82.69 -50.22 -5.86
CA GLN M 89 -84.15 -50.30 -5.77
C GLN M 89 -84.62 -51.59 -5.08
N SER M 90 -83.99 -52.70 -5.49
CA SER M 90 -84.13 -54.01 -4.85
C SER M 90 -84.13 -53.96 -3.30
N ASP M 91 -83.14 -53.25 -2.74
CA ASP M 91 -82.89 -53.13 -1.28
C ASP M 91 -82.46 -51.71 -0.95
N LYS M 92 -83.42 -50.89 -0.55
CA LYS M 92 -83.18 -49.46 -0.32
C LYS M 92 -82.27 -49.08 0.86
N ARG M 93 -81.85 -50.06 1.66
CA ARG M 93 -80.78 -49.85 2.63
C ARG M 93 -79.40 -49.80 2.03
N GLN M 94 -79.21 -50.41 0.87
CA GLN M 94 -77.88 -50.60 0.31
C GLN M 94 -77.48 -49.35 -0.48
N LEU M 95 -76.18 -49.19 -0.74
CA LEU M 95 -75.67 -48.08 -1.52
C LEU M 95 -74.64 -48.53 -2.57
N ILE M 96 -74.94 -48.27 -3.85
CA ILE M 96 -74.15 -48.81 -4.94
C ILE M 96 -73.26 -47.74 -5.46
N ILE M 97 -71.95 -48.00 -5.50
CA ILE M 97 -70.96 -47.04 -5.98
C ILE M 97 -70.49 -47.48 -7.36
N THR M 98 -70.56 -46.56 -8.31
CA THR M 98 -70.25 -46.81 -9.72
C THR M 98 -69.23 -45.76 -10.23
N LEU M 99 -68.12 -46.22 -10.79
CA LEU M 99 -67.17 -45.33 -11.43
C LEU M 99 -67.85 -44.54 -12.55
N THR M 100 -67.54 -43.25 -12.64
CA THR M 100 -67.96 -42.41 -13.77
C THR M 100 -66.99 -42.67 -14.89
N ASP M 101 -67.33 -42.18 -16.08
CA ASP M 101 -66.47 -42.37 -17.24
C ASP M 101 -65.12 -41.79 -16.91
N ASN M 102 -65.15 -40.55 -16.42
CA ASN M 102 -63.94 -39.87 -15.98
C ASN M 102 -63.13 -40.72 -14.94
N GLY M 103 -63.83 -41.27 -13.95
CA GLY M 103 -63.20 -42.14 -12.95
C GLY M 103 -62.54 -43.39 -13.53
N GLN M 104 -63.24 -44.00 -14.49
CA GLN M 104 -62.79 -45.22 -15.18
C GLN M 104 -61.63 -44.92 -16.10
N GLN M 105 -61.75 -43.83 -16.85
CA GLN M 105 -60.74 -43.50 -17.86
C GLN M 105 -59.39 -43.05 -17.27
N GLN M 106 -59.45 -42.38 -16.13
CA GLN M 106 -58.22 -41.80 -15.58
C GLN M 106 -57.28 -42.78 -14.90
N GLN M 107 -57.63 -44.07 -14.89
CA GLN M 107 -56.79 -45.05 -14.22
C GLN M 107 -55.36 -45.06 -14.75
N GLU M 108 -55.30 -45.04 -16.08
CA GLU M 108 -54.03 -45.18 -16.78
C GLU M 108 -53.09 -44.03 -16.46
N ALA M 109 -53.68 -42.83 -16.33
CA ALA M 109 -52.95 -41.62 -15.98
C ALA M 109 -52.33 -41.73 -14.58
N VAL M 110 -53.20 -42.11 -13.63
CA VAL M 110 -52.85 -42.27 -12.21
C VAL M 110 -51.74 -43.31 -12.06
N PHE M 111 -51.92 -44.49 -12.65
CA PHE M 111 -50.90 -45.54 -12.61
C PHE M 111 -49.53 -45.12 -13.23
N GLU M 112 -49.54 -44.34 -14.30
CA GLU M 112 -48.31 -43.80 -14.92
C GLU M 112 -47.56 -42.77 -14.01
N ALA M 113 -48.34 -41.97 -13.28
CA ALA M 113 -47.79 -40.97 -12.38
C ALA M 113 -47.04 -41.58 -11.22
N ILE M 114 -47.57 -42.71 -10.73
CA ILE M 114 -47.02 -43.44 -9.58
C ILE M 114 -45.84 -44.28 -10.07
N SER M 115 -46.10 -45.12 -11.08
CA SER M 115 -45.14 -46.13 -11.58
C SER M 115 -43.80 -45.57 -12.01
N SER M 116 -43.83 -44.37 -12.59
CA SER M 116 -42.60 -43.73 -13.04
C SER M 116 -41.74 -43.10 -11.94
N CYS M 117 -42.14 -43.22 -10.68
CA CYS M 117 -41.30 -42.80 -9.54
C CYS M 117 -40.79 -43.95 -8.71
N LEU M 118 -41.03 -45.20 -9.14
CA LEU M 118 -40.54 -46.41 -8.42
C LEU M 118 -39.17 -46.87 -8.92
N PRO M 119 -38.47 -47.70 -8.12
CA PRO M 119 -37.25 -48.34 -8.64
C PRO M 119 -37.52 -49.21 -9.88
N ASP M 128 -39.25 -59.37 -2.49
CA ASP M 128 -40.08 -60.54 -2.81
C ASP M 128 -40.53 -61.21 -1.48
N GLU M 129 -39.55 -61.59 -0.66
CA GLU M 129 -39.78 -62.19 0.70
C GLU M 129 -40.13 -61.20 1.85
N THR M 130 -40.22 -59.90 1.56
CA THR M 130 -40.64 -58.91 2.56
C THR M 130 -42.16 -58.95 2.65
N LYS M 131 -42.84 -59.18 1.50
CA LYS M 131 -44.31 -59.30 1.43
C LYS M 131 -44.80 -60.47 2.27
N TYR M 132 -44.04 -61.55 2.30
CA TYR M 132 -44.39 -62.72 3.12
C TYR M 132 -44.38 -62.36 4.58
N VAL M 133 -43.36 -61.61 5.00
CA VAL M 133 -43.21 -61.24 6.39
C VAL M 133 -44.40 -60.37 6.87
N PHE M 134 -44.75 -59.36 6.07
CA PHE M 134 -45.92 -58.53 6.34
C PHE M 134 -47.19 -59.36 6.40
N GLU M 135 -47.42 -60.20 5.39
CA GLU M 135 -48.64 -61.04 5.30
C GLU M 135 -48.74 -62.06 6.41
N GLU M 136 -47.64 -62.31 7.12
CA GLU M 136 -47.66 -63.20 8.28
C GLU M 136 -47.91 -62.44 9.58
N LEU M 137 -47.21 -61.33 9.77
CA LEU M 137 -47.43 -60.42 10.92
C LEU M 137 -48.87 -59.91 11.03
N GLU M 138 -49.45 -59.58 9.87
CA GLU M 138 -50.88 -59.32 9.72
C GLU M 138 -51.72 -60.43 10.39
N GLN M 139 -51.48 -61.68 10.01
CA GLN M 139 -52.30 -62.76 10.56
C GLN M 139 -52.01 -63.03 12.03
N THR M 140 -50.77 -62.78 12.46
CA THR M 140 -50.41 -62.90 13.88
C THR M 140 -51.17 -61.90 14.74
N LEU M 141 -51.24 -60.64 14.30
CA LEU M 141 -52.02 -59.61 15.00
C LEU M 141 -53.50 -59.84 14.94
N LYS M 142 -54.05 -60.36 13.84
CA LYS M 142 -55.50 -60.65 13.75
C LYS M 142 -55.94 -61.66 14.83
N HIS M 143 -55.22 -62.78 14.89
CA HIS M 143 -55.44 -63.76 15.93
C HIS M 143 -55.35 -63.09 17.30
N LEU M 144 -54.30 -62.29 17.50
CA LEU M 144 -54.04 -61.62 18.79
C LEU M 144 -55.16 -60.71 19.29
N ILE M 145 -56.01 -60.21 18.39
CA ILE M 145 -57.14 -59.35 18.77
C ILE M 145 -58.40 -60.16 19.16
N MET N 2 -45.72 -56.14 -17.29
CA MET N 2 -44.33 -55.66 -17.56
C MET N 2 -43.81 -54.89 -16.32
N LYS N 3 -43.78 -53.55 -16.39
CA LYS N 3 -43.59 -52.66 -15.23
C LYS N 3 -44.92 -52.37 -14.50
N GLN N 4 -46.03 -52.77 -15.11
CA GLN N 4 -47.31 -52.97 -14.42
C GLN N 4 -47.22 -53.98 -13.26
N GLU N 5 -46.36 -54.98 -13.38
CA GLU N 5 -46.12 -55.96 -12.30
C GLU N 5 -45.45 -55.33 -11.07
N GLN N 6 -44.59 -54.36 -11.30
CA GLN N 6 -43.95 -53.65 -10.23
C GLN N 6 -44.96 -52.74 -9.51
N MET N 7 -45.93 -52.17 -10.21
CA MET N 7 -47.04 -51.41 -9.56
C MET N 7 -47.98 -52.26 -8.74
N ARG N 8 -48.17 -53.51 -9.15
CA ARG N 8 -49.01 -54.43 -8.42
C ARG N 8 -48.32 -54.83 -7.14
N LEU N 9 -47.00 -54.86 -7.14
CA LEU N 9 -46.24 -55.18 -5.92
C LEU N 9 -46.25 -54.00 -4.96
N ALA N 10 -45.98 -52.79 -5.46
CA ALA N 10 -46.03 -51.63 -4.61
C ALA N 10 -47.42 -51.44 -4.01
N ASN N 11 -48.48 -51.73 -4.75
CA ASN N 11 -49.82 -51.49 -4.26
C ASN N 11 -50.17 -52.44 -3.17
N GLN N 12 -49.78 -53.69 -3.30
CA GLN N 12 -50.05 -54.65 -2.22
C GLN N 12 -48.99 -54.66 -1.11
N LEU N 13 -48.04 -53.71 -1.12
CA LEU N 13 -47.26 -53.32 0.06
C LEU N 13 -47.74 -52.02 0.77
N OCS N 14 -48.24 -50.98 0.03
CA OCS N 14 -48.95 -49.82 0.65
CB OCS N 14 -49.71 -48.77 -0.23
SG OCS N 14 -50.95 -47.76 0.43
C OCS N 14 -49.92 -50.57 1.49
O OCS N 14 -49.81 -50.55 2.70
OD1 OCS N 14 -52.28 -47.93 -0.08
OD2 OCS N 14 -50.56 -46.18 0.36
OD3 OCS N 14 -51.20 -47.75 1.79
N PHE N 15 -50.79 -51.34 0.85
CA PHE N 15 -51.95 -51.90 1.52
C PHE N 15 -51.59 -52.75 2.71
N SER N 16 -50.60 -53.59 2.53
CA SER N 16 -50.15 -54.50 3.58
C SER N 16 -49.68 -53.74 4.82
N ALA N 17 -48.81 -52.76 4.63
CA ALA N 17 -48.29 -51.92 5.71
C ALA N 17 -49.34 -50.96 6.27
N TYR N 18 -50.39 -50.70 5.52
CA TYR N 18 -51.54 -49.98 6.02
C TYR N 18 -52.32 -50.85 6.97
N ASN N 19 -52.52 -52.14 6.64
CA ASN N 19 -53.23 -53.07 7.53
C ASN N 19 -52.45 -53.42 8.82
N VAL N 20 -51.14 -53.59 8.72
CA VAL N 20 -50.34 -53.92 9.90
C VAL N 20 -50.31 -52.82 10.95
N SER N 21 -50.08 -51.59 10.52
CA SER N 21 -50.16 -50.47 11.44
C SER N 21 -51.50 -50.34 12.11
N ARG N 22 -52.56 -50.43 11.35
CA ARG N 22 -53.87 -50.37 11.93
C ARG N 22 -54.13 -51.46 13.02
N LEU N 23 -53.76 -52.69 12.72
CA LEU N 23 -53.96 -53.78 13.64
C LEU N 23 -53.16 -53.67 14.93
N PHE N 24 -51.92 -53.20 14.85
CA PHE N 24 -51.18 -52.86 16.07
C PHE N 24 -51.84 -51.77 16.87
N ALA N 25 -52.20 -50.69 16.21
CA ALA N 25 -52.89 -49.60 16.85
C ALA N 25 -54.13 -50.13 17.56
N GLN N 26 -54.88 -51.01 16.90
CA GLN N 26 -56.04 -51.64 17.53
C GLN N 26 -55.66 -52.46 18.73
N PHE N 27 -54.60 -53.24 18.62
CA PHE N 27 -54.19 -54.13 19.67
C PHE N 27 -53.76 -53.36 20.89
N TYR N 28 -52.89 -52.38 20.71
CA TYR N 28 -52.44 -51.54 21.81
C TYR N 28 -53.51 -50.67 22.42
N GLU N 29 -54.49 -50.21 21.64
CA GLU N 29 -55.57 -49.45 22.25
C GLU N 29 -56.49 -50.27 23.07
N LYS N 30 -56.70 -51.52 22.69
CA LYS N 30 -57.49 -52.45 23.49
C LYS N 30 -56.91 -52.55 24.91
N LYS N 31 -55.59 -52.77 25.00
CA LYS N 31 -54.85 -52.96 26.25
C LYS N 31 -54.53 -51.69 27.01
N LEU N 32 -54.54 -50.55 26.33
CA LEU N 32 -54.30 -49.24 26.95
C LEU N 32 -55.57 -48.51 27.39
N LYS N 33 -56.72 -49.01 27.01
CA LYS N 33 -57.99 -48.34 27.32
C LYS N 33 -58.14 -48.10 28.80
N GLN N 34 -57.83 -49.11 29.60
CA GLN N 34 -57.90 -49.01 31.08
C GLN N 34 -57.05 -47.89 31.72
N PHE N 35 -55.90 -47.56 31.14
CA PHE N 35 -55.06 -46.44 31.63
C PHE N 35 -55.48 -45.07 31.13
N GLY N 36 -56.44 -45.03 30.23
CA GLY N 36 -56.92 -43.79 29.66
C GLY N 36 -56.01 -43.10 28.67
N ILE N 37 -55.08 -43.85 28.06
CA ILE N 37 -54.21 -43.29 27.04
C ILE N 37 -54.37 -43.98 25.69
N THR N 38 -53.99 -43.25 24.64
CA THR N 38 -53.98 -43.75 23.26
C THR N 38 -52.60 -44.29 22.91
N TYR N 39 -52.55 -45.04 21.82
CA TYR N 39 -51.27 -45.55 21.35
C TYR N 39 -50.21 -44.49 20.94
N SER N 40 -50.62 -43.37 20.38
CA SER N 40 -49.66 -42.31 20.05
C SER N 40 -49.10 -41.76 21.35
N GLN N 41 -49.98 -41.53 22.33
CA GLN N 41 -49.60 -41.13 23.69
C GLN N 41 -48.69 -42.13 24.35
N TYR N 42 -48.99 -43.40 24.18
CA TYR N 42 -48.05 -44.46 24.60
C TYR N 42 -46.66 -44.32 23.93
N LEU N 43 -46.60 -43.97 22.66
CA LEU N 43 -45.33 -43.75 21.99
C LEU N 43 -44.61 -42.61 22.60
N VAL N 44 -45.29 -41.52 22.84
CA VAL N 44 -44.64 -40.42 23.54
C VAL N 44 -44.12 -40.85 24.92
N LEU N 45 -44.92 -41.61 25.65
CA LEU N 45 -44.50 -42.05 26.93
C LEU N 45 -43.32 -42.98 26.87
N LEU N 46 -43.22 -43.85 25.86
CA LEU N 46 -42.00 -44.68 25.70
C LEU N 46 -40.72 -43.84 25.63
N THR N 47 -40.74 -42.72 24.93
CA THR N 47 -39.49 -41.95 24.79
C THR N 47 -39.16 -41.30 26.12
N LEU N 48 -40.16 -40.80 26.83
CA LEU N 48 -39.92 -40.20 28.13
C LEU N 48 -39.43 -41.23 29.12
N TRP N 49 -39.98 -42.44 29.04
CA TRP N 49 -39.54 -43.52 29.91
C TRP N 49 -38.07 -43.89 29.66
N GLU N 50 -37.58 -43.74 28.43
CA GLU N 50 -36.14 -43.88 28.18
C GLU N 50 -35.36 -42.64 28.58
N GLU N 51 -35.86 -41.45 28.28
CA GLU N 51 -35.15 -40.20 28.60
C GLU N 51 -36.11 -39.12 29.09
N ASN N 52 -35.87 -38.57 30.26
CA ASN N 52 -36.80 -37.65 30.88
C ASN N 52 -36.00 -36.71 31.74
N PRO N 53 -36.16 -35.38 31.62
CA PRO N 53 -37.09 -34.72 30.74
C PRO N 53 -36.59 -34.61 29.30
N GLN N 54 -37.47 -34.19 28.39
CA GLN N 54 -37.15 -33.94 26.98
C GLN N 54 -37.96 -32.78 26.52
N THR N 55 -37.49 -32.12 25.46
CA THR N 55 -38.19 -30.96 24.91
C THR N 55 -39.14 -31.52 23.87
N LEU N 56 -40.23 -30.86 23.62
CA LEU N 56 -41.18 -31.34 22.63
C LEU N 56 -40.45 -31.66 21.35
N ASN N 57 -39.66 -30.71 20.88
CA ASN N 57 -38.86 -30.89 19.68
C ASN N 57 -38.08 -32.24 19.65
N SER N 58 -37.48 -32.57 20.78
CA SER N 58 -36.68 -33.77 20.91
C SER N 58 -37.54 -35.02 20.81
N ILE N 59 -38.72 -34.98 21.41
CA ILE N 59 -39.67 -36.07 21.33
C ILE N 59 -40.05 -36.26 19.88
N GLY N 60 -40.26 -35.16 19.18
CA GLY N 60 -40.66 -35.18 17.78
C GLY N 60 -39.65 -35.78 16.83
N ARG N 61 -38.39 -35.60 17.14
CA ARG N 61 -37.30 -36.14 16.36
C ARG N 61 -37.21 -37.64 16.56
N HIS N 62 -37.53 -38.11 17.75
CA HIS N 62 -37.56 -39.54 18.01
C HIS N 62 -38.69 -40.25 17.31
N LEU N 63 -39.83 -39.59 17.14
CA LEU N 63 -41.02 -40.20 16.52
C LEU N 63 -41.34 -39.72 15.09
N ASP N 64 -40.53 -38.80 14.56
CA ASP N 64 -40.76 -38.12 13.25
C ASP N 64 -42.09 -37.39 13.27
N LEU N 65 -42.36 -36.71 14.37
CA LEU N 65 -43.55 -35.88 14.53
C LEU N 65 -43.13 -34.45 14.90
N SER N 66 -44.08 -33.51 14.86
CA SER N 66 -43.81 -32.09 15.11
C SER N 66 -44.93 -31.50 15.94
N SER N 67 -44.82 -30.22 16.30
CA SER N 67 -45.78 -29.59 17.19
C SER N 67 -47.19 -29.70 16.70
N ASN N 68 -47.38 -29.72 15.40
CA ASN N 68 -48.73 -29.88 14.85
C ASN N 68 -49.50 -31.07 15.37
N THR N 69 -48.77 -32.13 15.72
CA THR N 69 -49.34 -33.32 16.32
C THR N 69 -49.14 -33.34 17.85
N LEU N 70 -47.92 -33.01 18.27
CA LEU N 70 -47.50 -33.13 19.66
C LEU N 70 -47.98 -32.04 20.53
N THR N 71 -48.23 -30.84 20.03
CA THR N 71 -48.78 -29.78 20.91
C THR N 71 -50.13 -30.14 21.55
N PRO N 72 -51.14 -30.51 20.76
CA PRO N 72 -52.45 -30.80 21.33
C PRO N 72 -52.55 -32.06 22.20
N MET N 73 -51.61 -32.98 22.04
CA MET N 73 -51.68 -34.22 22.76
C MET N 73 -50.69 -34.36 23.89
N LEU N 74 -49.71 -33.47 23.99
CA LEU N 74 -48.95 -33.33 25.24
C LEU N 74 -49.82 -32.57 26.25
N LYS N 75 -50.77 -31.77 25.75
CA LYS N 75 -51.83 -31.18 26.58
C LYS N 75 -52.81 -32.22 27.11
N ARG N 76 -53.09 -33.25 26.35
CA ARG N 76 -54.00 -34.30 26.81
C ARG N 76 -53.29 -35.05 27.92
N LEU N 77 -52.03 -35.40 27.67
CA LEU N 77 -51.27 -36.14 28.66
C LEU N 77 -51.06 -35.34 29.94
N GLU N 78 -50.95 -34.01 29.84
CA GLU N 78 -50.81 -33.17 31.04
C GLU N 78 -52.10 -33.17 31.79
N GLN N 79 -53.17 -32.97 31.07
CA GLN N 79 -54.48 -32.86 31.65
C GLN N 79 -54.89 -34.09 32.42
N SER N 80 -54.44 -35.27 31.95
CA SER N 80 -54.77 -36.54 32.59
C SER N 80 -53.76 -36.98 33.63
N GLY N 81 -52.68 -36.22 33.82
CA GLY N 81 -51.73 -36.41 34.92
C GLY N 81 -50.45 -37.19 34.67
N TRP N 82 -50.08 -37.37 33.41
CA TRP N 82 -48.88 -38.15 33.05
C TRP N 82 -47.65 -37.28 32.88
N VAL N 83 -47.81 -36.06 32.39
CA VAL N 83 -46.67 -35.16 32.22
C VAL N 83 -46.92 -33.73 32.70
N LYS N 84 -45.82 -33.01 32.82
CA LYS N 84 -45.81 -31.58 33.11
C LYS N 84 -45.30 -30.85 31.87
N ARG N 85 -45.91 -29.71 31.55
CA ARG N 85 -45.48 -28.88 30.43
C ARG N 85 -45.00 -27.57 31.01
N GLU N 86 -43.74 -27.20 30.81
CA GLU N 86 -43.25 -25.94 31.35
C GLU N 86 -42.18 -25.35 30.48
N ARG N 87 -42.14 -24.01 30.47
CA ARG N 87 -41.25 -23.24 29.59
C ARG N 87 -39.84 -23.17 30.14
N GLN N 88 -38.88 -23.24 29.23
CA GLN N 88 -37.47 -23.12 29.57
C GLN N 88 -37.18 -21.64 29.88
N GLN N 89 -36.63 -21.37 31.06
CA GLN N 89 -36.23 -20.00 31.40
C GLN N 89 -35.10 -19.52 30.49
N SER N 90 -34.06 -20.34 30.40
CA SER N 90 -32.95 -20.16 29.47
C SER N 90 -33.32 -19.74 28.03
N ASP N 91 -34.44 -20.30 27.50
CA ASP N 91 -34.90 -20.05 26.11
C ASP N 91 -36.42 -20.22 26.02
N LYS N 92 -37.13 -19.11 26.18
CA LYS N 92 -38.61 -19.12 26.31
C LYS N 92 -39.44 -19.57 25.08
N ARG N 93 -38.77 -19.84 23.97
CA ARG N 93 -39.43 -20.55 22.89
C ARG N 93 -39.66 -22.03 23.17
N GLN N 94 -38.81 -22.62 23.98
CA GLN N 94 -38.72 -24.06 24.15
C GLN N 94 -39.80 -24.56 25.12
N LEU N 95 -40.17 -25.84 25.01
CA LEU N 95 -41.14 -26.44 25.94
C LEU N 95 -40.61 -27.75 26.45
N ILE N 96 -40.56 -27.86 27.78
CA ILE N 96 -39.95 -29.02 28.42
C ILE N 96 -41.03 -29.96 28.99
N ILE N 97 -41.00 -31.20 28.51
CA ILE N 97 -41.91 -32.24 28.95
C ILE N 97 -41.18 -33.00 30.05
N THR N 98 -41.84 -33.17 31.19
CA THR N 98 -41.33 -33.97 32.32
C THR N 98 -42.45 -34.91 32.76
N LEU N 99 -42.12 -36.16 33.02
CA LEU N 99 -43.07 -37.10 33.61
C LEU N 99 -43.41 -36.69 35.03
N THR N 100 -44.66 -36.78 35.42
CA THR N 100 -45.03 -36.67 36.83
C THR N 100 -44.62 -37.96 37.51
N ASP N 101 -44.80 -38.05 38.82
CA ASP N 101 -44.45 -39.28 39.54
C ASP N 101 -45.39 -40.33 39.04
N ASN N 102 -46.66 -40.00 39.02
CA ASN N 102 -47.67 -40.91 38.49
C ASN N 102 -47.36 -41.46 37.09
N GLY N 103 -46.92 -40.58 36.20
CA GLY N 103 -46.51 -40.93 34.85
C GLY N 103 -45.33 -41.85 34.79
N GLN N 104 -44.37 -41.65 35.69
CA GLN N 104 -43.19 -42.48 35.82
C GLN N 104 -43.56 -43.85 36.39
N GLN N 105 -44.32 -43.83 37.48
CA GLN N 105 -44.59 -45.00 38.31
C GLN N 105 -45.48 -46.03 37.66
N GLN N 106 -46.32 -45.60 36.75
CA GLN N 106 -47.23 -46.50 36.06
C GLN N 106 -46.70 -47.22 34.86
N GLN N 107 -45.42 -47.03 34.56
CA GLN N 107 -44.74 -47.74 33.47
C GLN N 107 -44.86 -49.23 33.65
N GLU N 108 -44.53 -49.72 34.84
CA GLU N 108 -44.51 -51.16 35.09
C GLU N 108 -45.91 -51.76 34.91
N ALA N 109 -46.94 -51.06 35.38
CA ALA N 109 -48.34 -51.55 35.26
C ALA N 109 -48.79 -51.63 33.80
N VAL N 110 -48.38 -50.63 33.00
CA VAL N 110 -48.69 -50.53 31.56
C VAL N 110 -48.02 -51.63 30.77
N PHE N 111 -46.71 -51.80 30.96
CA PHE N 111 -45.97 -52.89 30.29
C PHE N 111 -46.52 -54.31 30.56
N GLU N 112 -46.91 -54.61 31.79
CA GLU N 112 -47.50 -55.92 32.17
C GLU N 112 -48.85 -56.14 31.50
N ALA N 113 -49.65 -55.09 31.37
CA ALA N 113 -50.98 -55.15 30.70
C ALA N 113 -50.90 -55.57 29.24
N ILE N 114 -49.85 -55.06 28.59
CA ILE N 114 -49.56 -55.30 27.20
C ILE N 114 -48.91 -56.67 27.11
N SER N 115 -47.80 -56.85 27.85
CA SER N 115 -46.94 -58.03 27.83
C SER N 115 -47.65 -59.36 28.00
N SER N 116 -48.64 -59.41 28.90
CA SER N 116 -49.40 -60.63 29.19
C SER N 116 -50.51 -60.96 28.18
N CYS N 117 -50.56 -60.30 27.03
CA CYS N 117 -51.41 -60.71 25.92
C CYS N 117 -50.59 -61.01 24.66
N LEU N 118 -49.27 -61.15 24.79
CA LEU N 118 -48.44 -61.49 23.65
C LEU N 118 -48.44 -63.04 23.54
N TYR N 127 -39.11 -63.91 14.64
CA TYR N 127 -39.33 -62.47 14.54
C TYR N 127 -38.02 -61.67 14.62
N ASP N 128 -36.89 -62.36 14.39
CA ASP N 128 -35.56 -61.75 14.53
C ASP N 128 -35.29 -60.96 13.26
N GLU N 129 -35.53 -61.63 12.12
CA GLU N 129 -35.36 -61.04 10.78
C GLU N 129 -36.53 -60.21 10.28
N THR N 130 -37.68 -60.29 10.94
CA THR N 130 -38.80 -59.40 10.59
C THR N 130 -38.37 -57.94 10.72
N LYS N 131 -37.75 -57.60 11.84
CA LYS N 131 -37.30 -56.22 12.12
C LYS N 131 -36.30 -55.63 11.09
N TYR N 132 -35.47 -56.47 10.50
CA TYR N 132 -34.56 -56.08 9.42
C TYR N 132 -35.29 -55.67 8.12
N VAL N 133 -36.30 -56.47 7.76
CA VAL N 133 -37.12 -56.23 6.56
C VAL N 133 -37.86 -54.89 6.68
N PHE N 134 -38.45 -54.63 7.84
CA PHE N 134 -39.11 -53.34 8.13
C PHE N 134 -38.12 -52.14 8.06
N GLU N 135 -36.98 -52.26 8.74
CA GLU N 135 -35.95 -51.19 8.79
C GLU N 135 -35.29 -50.87 7.43
N GLU N 136 -35.27 -51.86 6.53
CA GLU N 136 -34.72 -51.69 5.17
C GLU N 136 -35.71 -50.98 4.25
N LEU N 137 -36.96 -51.45 4.22
CA LEU N 137 -38.09 -50.81 3.46
C LEU N 137 -38.29 -49.36 3.89
N GLU N 138 -38.18 -49.11 5.19
CA GLU N 138 -38.17 -47.77 5.76
C GLU N 138 -37.16 -46.85 5.05
N GLN N 139 -35.93 -47.34 4.87
CA GLN N 139 -34.89 -46.58 4.17
C GLN N 139 -35.08 -46.51 2.65
N THR N 140 -35.57 -47.59 2.06
CA THR N 140 -36.00 -47.58 0.65
C THR N 140 -37.05 -46.52 0.35
N LEU N 141 -38.06 -46.42 1.23
CA LEU N 141 -39.10 -45.38 1.15
C LEU N 141 -38.62 -43.94 1.45
N LYS N 142 -37.65 -43.79 2.36
CA LYS N 142 -37.13 -42.44 2.67
C LYS N 142 -36.44 -41.81 1.46
N HIS N 143 -35.53 -42.57 0.83
CA HIS N 143 -34.85 -42.15 -0.40
C HIS N 143 -35.86 -41.87 -1.50
N LEU N 144 -36.90 -42.71 -1.59
CA LEU N 144 -37.93 -42.57 -2.62
C LEU N 144 -38.74 -41.27 -2.55
N ILE N 145 -38.86 -40.70 -1.35
CA ILE N 145 -39.62 -39.46 -1.16
C ILE N 145 -38.84 -38.20 -1.58
N GLU N 146 -37.50 -38.20 -1.43
CA GLU N 146 -36.66 -37.02 -1.68
C GLU N 146 -36.10 -36.99 -3.11
N GLN O 4 -25.93 42.35 0.45
CA GLN O 4 -26.23 40.92 0.67
C GLN O 4 -25.21 39.99 0.06
N GLU O 5 -24.79 40.26 -1.17
CA GLU O 5 -23.78 39.40 -1.84
C GLU O 5 -22.35 39.60 -1.32
N GLN O 6 -22.11 40.67 -0.57
CA GLN O 6 -20.84 40.87 0.14
C GLN O 6 -20.82 40.10 1.48
N MET O 7 -22.00 39.91 2.08
CA MET O 7 -22.13 39.02 3.26
C MET O 7 -21.92 37.56 2.91
N ARG O 8 -22.52 37.12 1.81
CA ARG O 8 -22.34 35.74 1.35
C ARG O 8 -20.87 35.44 1.06
N LEU O 9 -20.08 36.44 0.69
CA LEU O 9 -18.64 36.25 0.52
C LEU O 9 -17.97 36.12 1.88
N ALA O 10 -18.36 36.99 2.82
CA ALA O 10 -17.76 36.99 4.18
C ALA O 10 -18.08 35.71 4.89
N ASN O 11 -19.33 35.25 4.76
CA ASN O 11 -19.77 34.02 5.41
C ASN O 11 -19.08 32.79 4.85
N GLN O 12 -18.85 32.71 3.55
CA GLN O 12 -18.13 31.57 3.04
C GLN O 12 -16.62 31.76 3.13
N LEU O 13 -16.11 32.83 3.76
CA LEU O 13 -14.72 32.88 4.22
C LEU O 13 -14.53 32.56 5.72
N OCS O 14 -15.42 33.01 6.63
CA OCS O 14 -15.42 32.53 8.04
CB OCS O 14 -16.62 32.90 8.96
SG OCS O 14 -16.95 31.99 10.38
C OCS O 14 -15.40 31.05 7.89
O OCS O 14 -14.49 30.41 8.40
OD1 OCS O 14 -17.53 30.69 10.21
OD3 OCS O 14 -15.73 31.89 11.07
N PHE O 15 -16.33 30.49 7.12
CA PHE O 15 -16.50 29.03 7.05
C PHE O 15 -15.34 28.31 6.39
N SER O 16 -14.77 28.91 5.36
CA SER O 16 -13.64 28.28 4.70
C SER O 16 -12.39 28.25 5.56
N ALA O 17 -12.11 29.34 6.28
CA ALA O 17 -10.95 29.40 7.17
C ALA O 17 -11.20 28.53 8.40
N TYR O 18 -12.47 28.40 8.75
CA TYR O 18 -12.86 27.58 9.85
C TYR O 18 -12.61 26.15 9.54
N ASN O 19 -12.90 25.73 8.32
CA ASN O 19 -12.56 24.38 7.86
C ASN O 19 -11.05 24.15 7.75
N VAL O 20 -10.32 25.09 7.15
CA VAL O 20 -8.88 24.93 6.89
C VAL O 20 -8.06 24.76 8.16
N SER O 21 -8.28 25.61 9.15
CA SER O 21 -7.59 25.48 10.45
C SER O 21 -7.90 24.16 11.19
N ARG O 22 -9.13 23.69 11.07
CA ARG O 22 -9.52 22.41 11.63
C ARG O 22 -8.79 21.25 11.00
N LEU O 23 -8.74 21.24 9.67
CA LEU O 23 -8.10 20.18 8.93
C LEU O 23 -6.63 20.16 9.24
N PHE O 24 -5.98 21.32 9.17
CA PHE O 24 -4.58 21.42 9.59
C PHE O 24 -4.34 20.83 10.96
N ALA O 25 -5.21 21.11 11.92
CA ALA O 25 -5.08 20.54 13.24
C ALA O 25 -5.20 19.04 13.24
N GLN O 26 -6.14 18.48 12.47
CA GLN O 26 -6.30 17.01 12.40
C GLN O 26 -5.08 16.33 11.80
N PHE O 27 -4.54 16.93 10.74
CA PHE O 27 -3.37 16.42 10.06
C PHE O 27 -2.15 16.50 10.91
N TYR O 28 -1.98 17.57 11.64
CA TYR O 28 -0.85 17.64 12.57
C TYR O 28 -1.00 16.72 13.78
N GLU O 29 -2.19 16.61 14.36
CA GLU O 29 -2.37 15.72 15.52
C GLU O 29 -2.31 14.24 15.19
N LYS O 30 -2.51 13.88 13.93
CA LYS O 30 -2.31 12.52 13.45
C LYS O 30 -0.82 12.17 13.54
N LYS O 31 0.04 13.07 13.04
CA LYS O 31 1.49 12.85 13.00
C LYS O 31 2.13 13.01 14.40
N LEU O 32 1.71 14.01 15.16
CA LEU O 32 2.25 14.26 16.51
C LEU O 32 1.77 13.32 17.63
N LYS O 33 0.76 12.49 17.36
CA LYS O 33 0.15 11.57 18.34
C LYS O 33 1.19 10.69 19.02
N GLN O 34 2.13 10.20 18.19
CA GLN O 34 3.30 9.42 18.59
C GLN O 34 4.06 10.06 19.74
N PHE O 35 4.47 11.30 19.54
CA PHE O 35 5.26 12.05 20.52
C PHE O 35 4.49 12.52 21.79
N GLY O 36 3.18 12.30 21.85
CA GLY O 36 2.34 12.66 23.02
C GLY O 36 2.06 14.16 23.17
N ILE O 37 2.09 14.88 22.05
CA ILE O 37 1.86 16.31 22.07
C ILE O 37 0.80 16.75 21.03
N THR O 38 0.10 17.83 21.41
CA THR O 38 -0.94 18.39 20.61
C THR O 38 -0.32 19.39 19.66
N TYR O 39 -1.09 19.77 18.65
CA TYR O 39 -0.67 20.77 17.65
C TYR O 39 -0.48 22.18 18.24
N SER O 40 -1.20 22.46 19.31
CA SER O 40 -1.12 23.75 19.96
C SER O 40 0.25 23.84 20.68
N GLN O 41 0.55 22.78 21.46
CA GLN O 41 1.87 22.56 22.08
C GLN O 41 2.97 22.61 21.01
N TYR O 42 2.80 21.85 19.94
CA TYR O 42 3.71 21.93 18.83
C TYR O 42 4.05 23.38 18.43
N LEU O 43 3.05 24.26 18.41
CA LEU O 43 3.29 25.70 18.07
C LEU O 43 4.19 26.35 19.10
N VAL O 44 3.92 26.06 20.38
CA VAL O 44 4.78 26.55 21.46
C VAL O 44 6.20 26.07 21.25
N LEU O 45 6.35 24.77 20.98
CA LEU O 45 7.66 24.19 20.70
C LEU O 45 8.36 24.79 19.48
N LEU O 46 7.62 25.12 18.43
CA LEU O 46 8.25 25.81 17.30
C LEU O 46 8.87 27.14 17.64
N THR O 47 8.32 27.86 18.64
CA THR O 47 8.90 29.19 19.02
C THR O 47 10.17 28.96 19.87
N LEU O 48 10.11 27.99 20.80
CA LEU O 48 11.25 27.68 21.66
C LEU O 48 12.40 27.11 20.86
N TRP O 49 12.10 26.27 19.83
CA TRP O 49 13.16 25.79 18.92
C TRP O 49 13.87 26.97 18.19
N GLU O 50 13.12 28.01 17.84
CA GLU O 50 13.74 29.20 17.23
C GLU O 50 14.38 30.16 18.23
N GLU O 51 13.89 30.17 19.47
CA GLU O 51 14.48 31.01 20.50
C GLU O 51 14.23 30.39 21.88
N ASN O 52 15.30 30.06 22.60
CA ASN O 52 15.19 29.40 23.89
C ASN O 52 16.29 29.97 24.79
N PRO O 53 15.99 30.26 26.07
CA PRO O 53 14.65 30.20 26.68
C PRO O 53 13.74 31.38 26.27
N GLN O 54 12.49 31.35 26.73
CA GLN O 54 11.55 32.48 26.54
C GLN O 54 10.63 32.59 27.73
N THR O 55 10.10 33.78 27.91
CA THR O 55 9.14 34.05 28.96
C THR O 55 7.77 33.73 28.37
N LEU O 56 6.85 33.24 29.21
CA LEU O 56 5.48 32.90 28.78
C LEU O 56 4.88 34.00 27.92
N ASN O 57 4.96 35.21 28.46
CA ASN O 57 4.54 36.45 27.80
C ASN O 57 5.15 36.63 26.40
N SER O 58 6.41 36.22 26.24
CA SER O 58 7.12 36.32 24.92
C SER O 58 6.61 35.27 23.90
N ILE O 59 6.30 34.08 24.42
CA ILE O 59 5.66 33.04 23.62
C ILE O 59 4.29 33.55 23.16
N GLY O 60 3.49 33.99 24.13
CA GLY O 60 2.17 34.53 23.85
C GLY O 60 2.11 35.64 22.83
N ARG O 61 3.12 36.50 22.78
CA ARG O 61 3.23 37.57 21.77
C ARG O 61 3.56 37.05 20.37
N HIS O 62 4.28 35.93 20.29
CA HIS O 62 4.55 35.29 19.01
C HIS O 62 3.27 34.66 18.42
N LEU O 63 2.51 33.98 19.26
CA LEU O 63 1.36 33.17 18.85
C LEU O 63 0.01 33.91 18.84
N ASP O 64 -0.01 35.11 19.44
CA ASP O 64 -1.22 35.87 19.84
C ASP O 64 -2.09 35.16 20.90
N LEU O 65 -1.41 34.52 21.86
CA LEU O 65 -2.06 33.88 23.00
C LEU O 65 -1.68 34.55 24.34
N SER O 66 -2.32 34.14 25.42
CA SER O 66 -2.03 34.71 26.72
C SER O 66 -1.99 33.64 27.79
N SER O 67 -1.91 34.02 29.07
CA SER O 67 -1.75 33.06 30.15
C SER O 67 -2.99 32.20 30.31
N ASN O 68 -4.17 32.72 29.99
CA ASN O 68 -5.40 31.89 30.03
C ASN O 68 -5.43 30.57 29.19
N THR O 69 -4.61 30.54 28.17
CA THR O 69 -4.33 29.36 27.40
C THR O 69 -2.99 28.77 27.84
N LEU O 70 -1.94 29.60 27.90
CA LEU O 70 -0.53 29.13 28.02
C LEU O 70 -0.11 28.65 29.38
N THR O 71 -0.77 29.11 30.43
CA THR O 71 -0.47 28.61 31.78
C THR O 71 -0.74 27.13 31.85
N PRO O 72 -2.01 26.69 31.73
CA PRO O 72 -2.27 25.24 31.84
C PRO O 72 -1.53 24.43 30.81
N MET O 73 -1.21 25.03 29.68
CA MET O 73 -0.65 24.30 28.56
C MET O 73 0.84 24.13 28.65
N LEU O 74 1.53 25.05 29.31
CA LEU O 74 2.97 24.87 29.57
C LEU O 74 3.15 23.87 30.71
N LYS O 75 2.20 23.81 31.64
CA LYS O 75 2.22 22.74 32.64
C LYS O 75 2.21 21.33 32.03
N ARG O 76 1.40 21.13 30.99
CA ARG O 76 1.29 19.81 30.36
C ARG O 76 2.56 19.47 29.63
N LEU O 77 3.22 20.46 29.03
CA LEU O 77 4.51 20.21 28.40
C LEU O 77 5.62 19.97 29.42
N GLU O 78 5.59 20.67 30.56
CA GLU O 78 6.54 20.39 31.65
C GLU O 78 6.32 18.95 32.12
N GLN O 79 5.10 18.63 32.52
CA GLN O 79 4.72 17.28 33.00
C GLN O 79 5.01 16.11 32.04
N SER O 80 5.10 16.40 30.76
CA SER O 80 5.50 15.43 29.74
C SER O 80 7.01 15.56 29.34
N GLY O 81 7.78 16.40 30.05
CA GLY O 81 9.24 16.45 29.96
C GLY O 81 9.86 17.19 28.78
N TRP O 82 9.08 18.06 28.15
CA TRP O 82 9.61 18.87 27.01
C TRP O 82 10.17 20.21 27.44
N VAL O 83 9.67 20.75 28.56
CA VAL O 83 10.12 22.04 29.08
C VAL O 83 10.19 22.09 30.59
N LYS O 84 10.91 23.11 31.05
CA LYS O 84 11.07 23.47 32.43
C LYS O 84 10.44 24.84 32.68
N ARG O 85 9.62 24.92 33.73
CA ARG O 85 8.98 26.18 34.14
C ARG O 85 9.54 26.74 35.45
N GLU O 86 10.23 27.87 35.40
CA GLU O 86 10.82 28.45 36.61
C GLU O 86 10.70 29.97 36.69
N ARG O 87 10.61 30.46 37.93
CA ARG O 87 10.49 31.88 38.18
C ARG O 87 11.81 32.63 38.00
N GLN O 88 11.71 33.82 37.42
CA GLN O 88 12.83 34.73 37.28
C GLN O 88 13.12 35.32 38.66
N GLN O 89 14.39 35.25 39.08
CA GLN O 89 14.86 35.86 40.37
C GLN O 89 14.80 37.39 40.34
N SER O 90 15.34 37.96 39.25
CA SER O 90 15.21 39.39 38.93
C SER O 90 13.77 39.96 39.17
N ASP O 91 12.78 39.25 38.60
CA ASP O 91 11.37 39.69 38.57
C ASP O 91 10.48 38.46 38.82
N LYS O 92 10.02 38.34 40.07
CA LYS O 92 9.30 37.14 40.53
C LYS O 92 7.83 37.04 40.00
N ARG O 93 7.37 38.03 39.25
CA ARG O 93 6.11 37.89 38.48
C ARG O 93 6.29 37.07 37.20
N GLN O 94 7.48 37.14 36.62
CA GLN O 94 7.81 36.49 35.34
C GLN O 94 7.94 34.98 35.48
N LEU O 95 7.83 34.29 34.34
CA LEU O 95 7.95 32.83 34.30
C LEU O 95 8.70 32.49 33.05
N ILE O 96 9.80 31.77 33.24
CA ILE O 96 10.73 31.44 32.17
C ILE O 96 10.50 30.00 31.76
N ILE O 97 10.36 29.83 30.45
CA ILE O 97 10.23 28.53 29.77
C ILE O 97 11.56 28.18 29.11
N THR O 98 12.12 27.04 29.53
CA THR O 98 13.34 26.50 28.95
C THR O 98 13.10 25.07 28.49
N LEU O 99 13.52 24.79 27.26
CA LEU O 99 13.50 23.43 26.71
C LEU O 99 14.44 22.52 27.50
N THR O 100 13.95 21.34 27.86
CA THR O 100 14.80 20.28 28.39
C THR O 100 15.72 19.78 27.27
N ASP O 101 16.65 18.90 27.60
CA ASP O 101 17.52 18.25 26.59
C ASP O 101 16.69 17.33 25.66
N ASN O 102 15.84 16.51 26.28
CA ASN O 102 14.81 15.75 25.57
C ASN O 102 14.10 16.62 24.57
N GLY O 103 13.51 17.71 25.10
CA GLY O 103 12.70 18.67 24.31
C GLY O 103 13.44 19.28 23.14
N GLN O 104 14.70 19.62 23.38
CA GLN O 104 15.59 20.20 22.37
C GLN O 104 15.95 19.17 21.28
N GLN O 105 16.33 17.97 21.74
CA GLN O 105 16.86 16.91 20.89
C GLN O 105 15.79 16.32 19.94
N GLN O 106 14.57 16.23 20.46
CA GLN O 106 13.50 15.55 19.76
C GLN O 106 13.02 16.29 18.50
N GLN O 107 13.50 17.52 18.27
CA GLN O 107 13.07 18.34 17.13
C GLN O 107 13.22 17.67 15.79
N GLU O 108 14.38 17.07 15.55
CA GLU O 108 14.63 16.40 14.27
C GLU O 108 13.65 15.23 14.02
N ALA O 109 13.41 14.41 15.05
CA ALA O 109 12.45 13.27 14.99
C ALA O 109 11.00 13.68 14.69
N VAL O 110 10.56 14.76 15.34
CA VAL O 110 9.24 15.38 15.09
C VAL O 110 9.15 15.89 13.63
N PHE O 111 10.07 16.78 13.25
CA PHE O 111 10.07 17.39 11.91
C PHE O 111 10.10 16.35 10.79
N GLU O 112 10.78 15.23 11.02
CA GLU O 112 10.76 14.13 10.05
C GLU O 112 9.37 13.48 9.95
N ALA O 113 8.79 13.14 11.10
CA ALA O 113 7.44 12.56 11.16
C ALA O 113 6.41 13.37 10.34
N ILE O 114 6.55 14.68 10.38
CA ILE O 114 5.62 15.59 9.72
C ILE O 114 5.98 15.66 8.24
N SER O 115 7.26 15.92 7.97
CA SER O 115 7.76 16.19 6.60
C SER O 115 7.55 15.05 5.56
N SER O 116 7.68 13.80 6.01
CA SER O 116 7.54 12.65 5.11
C SER O 116 6.06 12.31 4.73
N CYS O 117 5.08 13.09 5.21
CA CYS O 117 3.68 12.93 4.77
C CYS O 117 3.17 14.08 3.88
N LEU O 118 4.03 15.03 3.49
CA LEU O 118 3.64 16.17 2.64
C LEU O 118 3.73 15.77 1.15
N THR O 130 -0.42 31.84 -2.32
CA THR O 130 -1.33 31.49 -1.22
C THR O 130 -0.94 32.21 0.06
N LYS O 131 0.28 32.00 0.51
CA LYS O 131 0.80 32.64 1.74
C LYS O 131 0.55 34.16 1.79
N TYR O 132 0.69 34.81 0.65
CA TYR O 132 0.38 36.23 0.52
C TYR O 132 -1.09 36.54 0.80
N VAL O 133 -1.98 35.67 0.32
CA VAL O 133 -3.43 35.87 0.45
C VAL O 133 -3.86 35.74 1.90
N PHE O 134 -3.30 34.75 2.60
CA PHE O 134 -3.53 34.57 4.04
C PHE O 134 -3.00 35.79 4.84
N GLU O 135 -1.71 36.08 4.66
CA GLU O 135 -1.05 37.17 5.40
C GLU O 135 -1.75 38.53 5.24
N GLU O 136 -2.35 38.75 4.08
CA GLU O 136 -3.12 39.97 3.83
C GLU O 136 -4.50 39.96 4.53
N LEU O 137 -5.24 38.87 4.40
CA LEU O 137 -6.53 38.72 5.08
C LEU O 137 -6.36 38.84 6.60
N GLU O 138 -5.25 38.30 7.10
CA GLU O 138 -4.84 38.43 8.50
C GLU O 138 -4.83 39.92 8.87
N GLN O 139 -4.09 40.72 8.10
CA GLN O 139 -4.01 42.14 8.39
C GLN O 139 -5.38 42.82 8.31
N THR O 140 -6.16 42.50 7.28
CA THR O 140 -7.49 43.06 7.10
C THR O 140 -8.34 42.82 8.34
N LEU O 141 -8.31 41.59 8.85
CA LEU O 141 -9.09 41.21 10.01
C LEU O 141 -8.58 41.88 11.30
N LYS O 142 -7.27 42.13 11.38
CA LYS O 142 -6.70 42.79 12.58
C LYS O 142 -7.16 44.23 12.75
N HIS O 143 -7.21 44.95 11.63
CA HIS O 143 -7.79 46.29 11.62
C HIS O 143 -9.27 46.22 12.03
N LEU O 144 -10.00 45.33 11.39
CA LEU O 144 -11.44 45.18 11.58
C LEU O 144 -11.88 45.01 13.06
N ILE O 145 -11.02 44.44 13.90
CA ILE O 145 -11.39 44.16 15.29
C ILE O 145 -11.25 45.38 16.21
N MET P 2 16.74 20.48 0.67
CA MET P 2 15.57 21.43 0.77
C MET P 2 14.23 20.87 1.33
N LYS P 3 14.24 19.68 1.95
CA LYS P 3 13.06 19.12 2.64
C LYS P 3 12.67 20.02 3.84
N GLN P 4 13.66 20.70 4.40
CA GLN P 4 13.47 21.66 5.48
C GLN P 4 12.77 22.98 5.07
N GLU P 5 12.92 23.39 3.80
CA GLU P 5 12.25 24.60 3.29
C GLU P 5 10.74 24.39 3.00
N GLN P 6 10.39 23.17 2.66
CA GLN P 6 8.99 22.77 2.47
C GLN P 6 8.24 22.58 3.81
N MET P 7 8.97 22.22 4.87
CA MET P 7 8.43 22.22 6.24
C MET P 7 8.23 23.64 6.76
N ARG P 8 9.14 24.54 6.42
CA ARG P 8 9.06 25.93 6.84
C ARG P 8 7.83 26.59 6.26
N LEU P 9 7.48 26.20 5.03
CA LEU P 9 6.30 26.67 4.33
C LEU P 9 4.99 26.12 4.94
N ALA P 10 4.95 24.81 5.22
CA ALA P 10 3.79 24.17 5.88
C ALA P 10 3.50 24.69 7.30
N ASN P 11 4.56 25.07 8.01
CA ASN P 11 4.47 25.53 9.37
C ASN P 11 3.98 26.96 9.42
N GLN P 12 4.42 27.80 8.48
CA GLN P 12 3.87 29.18 8.36
C GLN P 12 2.59 29.24 7.50
N LEU P 13 1.95 28.08 7.26
CA LEU P 13 0.54 28.02 6.82
C LEU P 13 -0.38 27.49 7.89
N OCS P 14 -0.04 26.41 8.62
CA OCS P 14 -0.83 25.99 9.83
CB OCS P 14 -0.22 24.95 10.82
SG OCS P 14 -0.79 24.96 12.44
C OCS P 14 -1.04 27.26 10.58
O OCS P 14 -2.17 27.63 10.85
OD1 OCS P 14 -1.83 24.01 12.69
OD3 OCS P 14 0.25 24.69 13.38
N PHE P 15 0.05 27.96 10.89
CA PHE P 15 0.03 29.14 11.76
C PHE P 15 -0.78 30.32 11.21
N SER P 16 -0.64 30.57 9.92
CA SER P 16 -1.37 31.65 9.28
C SER P 16 -2.89 31.40 9.26
N ALA P 17 -3.29 30.19 8.88
CA ALA P 17 -4.72 29.79 8.89
C ALA P 17 -5.29 29.71 10.28
N TYR P 18 -4.43 29.37 11.23
CA TYR P 18 -4.75 29.34 12.67
C TYR P 18 -5.16 30.71 13.14
N ASN P 19 -4.42 31.71 12.68
CA ASN P 19 -4.71 33.07 13.07
C ASN P 19 -5.99 33.61 12.46
N VAL P 20 -6.10 33.48 11.15
CA VAL P 20 -7.26 33.94 10.40
C VAL P 20 -8.59 33.39 10.86
N SER P 21 -8.67 32.12 11.17
CA SER P 21 -9.90 31.54 11.71
C SER P 21 -10.24 32.15 13.08
N ARG P 22 -9.20 32.33 13.88
CA ARG P 22 -9.35 32.91 15.21
C ARG P 22 -9.89 34.33 15.15
N LEU P 23 -9.32 35.13 14.28
CA LEU P 23 -9.74 36.51 14.09
C LEU P 23 -11.17 36.60 13.61
N PHE P 24 -11.52 35.74 12.66
CA PHE P 24 -12.87 35.67 12.17
C PHE P 24 -13.85 35.26 13.22
N ALA P 25 -13.48 34.34 14.07
CA ALA P 25 -14.35 33.95 15.17
C ALA P 25 -14.56 35.14 16.07
N GLN P 26 -13.45 35.85 16.37
CA GLN P 26 -13.48 37.06 17.25
C GLN P 26 -14.44 38.09 16.66
N PHE P 27 -14.22 38.39 15.39
CA PHE P 27 -15.02 39.38 14.72
C PHE P 27 -16.50 39.07 14.80
N TYR P 28 -16.89 37.85 14.46
CA TYR P 28 -18.31 37.48 14.48
C TYR P 28 -18.86 37.43 15.89
N GLU P 29 -18.06 37.02 16.85
CA GLU P 29 -18.55 36.99 18.24
C GLU P 29 -18.85 38.37 18.74
N LYS P 30 -18.02 39.32 18.33
CA LYS P 30 -18.19 40.70 18.75
C LYS P 30 -19.57 41.20 18.30
N LYS P 31 -19.91 40.91 17.04
CA LYS P 31 -21.14 41.41 16.45
C LYS P 31 -22.34 40.58 16.81
N LEU P 32 -22.15 39.31 17.17
CA LEU P 32 -23.24 38.43 17.56
C LEU P 32 -23.56 38.45 19.05
N LYS P 33 -22.69 39.05 19.85
CA LYS P 33 -22.84 39.09 21.31
C LYS P 33 -24.23 39.58 21.69
N GLN P 34 -24.70 40.63 21.04
CA GLN P 34 -26.03 41.19 21.29
C GLN P 34 -27.25 40.31 21.04
N PHE P 35 -27.10 39.22 20.28
CA PHE P 35 -28.20 38.27 20.06
C PHE P 35 -28.08 37.04 20.93
N GLY P 36 -26.98 36.98 21.67
CA GLY P 36 -26.75 35.87 22.57
C GLY P 36 -26.41 34.56 21.89
N ILE P 37 -25.74 34.62 20.74
CA ILE P 37 -25.34 33.41 20.08
C ILE P 37 -23.90 33.49 19.73
N THR P 38 -23.27 32.31 19.69
CA THR P 38 -21.84 32.12 19.40
C THR P 38 -21.60 31.85 17.92
N TYR P 39 -20.39 32.06 17.45
CA TYR P 39 -20.17 31.88 16.02
C TYR P 39 -20.48 30.47 15.49
N SER P 40 -20.30 29.43 16.29
CA SER P 40 -20.62 28.06 15.82
C SER P 40 -22.13 27.84 15.74
N GLN P 41 -22.85 28.44 16.68
CA GLN P 41 -24.29 28.47 16.61
C GLN P 41 -24.75 29.24 15.36
N TYR P 42 -24.10 30.35 15.09
CA TYR P 42 -24.41 31.12 13.92
C TYR P 42 -24.23 30.25 12.68
N LEU P 43 -23.18 29.44 12.59
CA LEU P 43 -22.98 28.49 11.47
C LEU P 43 -24.07 27.46 11.36
N VAL P 44 -24.57 26.98 12.48
CA VAL P 44 -25.74 26.09 12.46
C VAL P 44 -26.95 26.80 11.91
N LEU P 45 -27.20 28.04 12.37
CA LEU P 45 -28.35 28.83 11.92
C LEU P 45 -28.25 29.12 10.44
N LEU P 46 -27.08 29.49 9.92
CA LEU P 46 -26.92 29.67 8.47
C LEU P 46 -27.46 28.48 7.62
N THR P 47 -27.25 27.26 8.07
CA THR P 47 -27.76 26.10 7.37
C THR P 47 -29.28 25.94 7.53
N LEU P 48 -29.83 26.22 8.69
CA LEU P 48 -31.31 26.25 8.86
C LEU P 48 -32.00 27.43 8.14
N TRP P 49 -31.30 28.54 7.97
CA TRP P 49 -31.85 29.63 7.21
C TRP P 49 -31.91 29.26 5.73
N GLU P 50 -30.97 28.44 5.23
CA GLU P 50 -31.03 27.91 3.84
C GLU P 50 -31.90 26.70 3.68
N GLU P 51 -32.06 25.89 4.72
CA GLU P 51 -32.92 24.71 4.66
C GLU P 51 -33.46 24.37 6.02
N ASN P 52 -34.78 24.39 6.16
CA ASN P 52 -35.45 24.21 7.44
C ASN P 52 -36.83 23.56 7.27
N PRO P 53 -37.11 22.44 7.97
CA PRO P 53 -36.24 21.81 8.97
C PRO P 53 -35.15 20.86 8.41
N GLN P 54 -34.22 20.51 9.30
CA GLN P 54 -33.10 19.57 9.02
C GLN P 54 -32.84 18.67 10.20
N THR P 55 -32.30 17.49 9.92
CA THR P 55 -31.94 16.50 10.95
C THR P 55 -30.50 16.78 11.41
N LEU P 56 -30.25 16.63 12.71
CA LEU P 56 -28.91 16.93 13.27
C LEU P 56 -27.79 16.42 12.35
N ASN P 57 -27.95 15.18 11.92
CA ASN P 57 -27.05 14.53 11.00
C ASN P 57 -26.85 15.38 9.74
N SER P 58 -27.95 15.83 9.15
CA SER P 58 -27.91 16.68 7.95
C SER P 58 -27.12 17.99 8.15
N ILE P 59 -27.32 18.62 9.32
CA ILE P 59 -26.58 19.82 9.71
C ILE P 59 -25.10 19.51 9.80
N GLY P 60 -24.79 18.40 10.46
CA GLY P 60 -23.42 17.92 10.59
C GLY P 60 -22.72 17.71 9.27
N ARG P 61 -23.45 17.24 8.27
CA ARG P 61 -22.89 16.98 6.96
C ARG P 61 -22.52 18.25 6.26
N HIS P 62 -23.30 19.28 6.50
CA HIS P 62 -23.03 20.60 5.97
C HIS P 62 -21.82 21.28 6.59
N LEU P 63 -21.58 21.05 7.89
CA LEU P 63 -20.50 21.72 8.63
C LEU P 63 -19.23 20.89 8.95
N ASP P 64 -19.24 19.62 8.51
CA ASP P 64 -18.29 18.59 8.94
C ASP P 64 -18.23 18.46 10.46
N LEU P 65 -19.37 18.34 11.10
CA LEU P 65 -19.45 18.16 12.52
C LEU P 65 -20.35 16.99 12.84
N SER P 66 -20.34 16.49 14.06
CA SER P 66 -21.14 15.34 14.48
C SER P 66 -21.82 15.59 15.83
N SER P 67 -22.53 14.61 16.36
CA SER P 67 -23.36 14.83 17.52
C SER P 67 -22.52 15.20 18.71
N ASN P 68 -21.26 14.79 18.72
CA ASN P 68 -20.37 15.13 19.83
C ASN P 68 -20.21 16.61 20.03
N THR P 69 -20.39 17.39 18.99
CA THR P 69 -20.42 18.84 19.07
C THR P 69 -21.83 19.38 19.06
N LEU P 70 -22.62 18.88 18.12
CA LEU P 70 -23.96 19.40 17.82
C LEU P 70 -25.02 19.08 18.81
N THR P 71 -24.95 17.95 19.51
CA THR P 71 -25.95 17.61 20.54
C THR P 71 -26.04 18.68 21.63
N PRO P 72 -24.92 19.01 22.30
CA PRO P 72 -24.99 20.00 23.38
C PRO P 72 -25.25 21.42 22.85
N MET P 73 -24.85 21.66 21.63
CA MET P 73 -24.97 22.96 21.02
C MET P 73 -26.36 23.30 20.43
N LEU P 74 -27.10 22.30 19.96
CA LEU P 74 -28.49 22.45 19.62
C LEU P 74 -29.36 22.58 20.86
N LYS P 75 -28.95 22.02 21.98
CA LYS P 75 -29.68 22.23 23.21
C LYS P 75 -29.56 23.66 23.69
N ARG P 76 -28.41 24.30 23.48
CA ARG P 76 -28.25 25.71 23.90
C ARG P 76 -29.15 26.59 23.06
N LEU P 77 -29.16 26.36 21.74
CA LEU P 77 -30.02 27.12 20.83
C LEU P 77 -31.49 26.91 21.17
N GLU P 78 -31.92 25.70 21.53
CA GLU P 78 -33.30 25.49 22.00
C GLU P 78 -33.63 26.25 23.29
N GLN P 79 -32.74 26.14 24.26
CA GLN P 79 -32.85 26.88 25.52
C GLN P 79 -32.91 28.40 25.42
N SER P 80 -32.36 28.96 24.35
CA SER P 80 -32.38 30.40 24.12
C SER P 80 -33.43 30.82 23.06
N GLY P 81 -34.27 29.88 22.65
CA GLY P 81 -35.42 30.13 21.78
C GLY P 81 -35.28 30.28 20.28
N TRP P 82 -34.17 29.80 19.72
CA TRP P 82 -33.94 29.86 18.28
C TRP P 82 -34.34 28.62 17.54
N VAL P 83 -34.33 27.44 18.16
CA VAL P 83 -34.81 26.20 17.48
C VAL P 83 -35.63 25.36 18.44
N LYS P 84 -36.34 24.41 17.85
CA LYS P 84 -37.01 23.38 18.63
C LYS P 84 -36.37 22.04 18.20
N ARG P 85 -36.30 21.09 19.14
CA ARG P 85 -35.67 19.77 18.93
C ARG P 85 -36.78 18.77 19.12
N GLU P 86 -37.00 17.89 18.17
CA GLU P 86 -38.03 16.85 18.38
C GLU P 86 -37.74 15.59 17.61
N ARG P 87 -38.22 14.48 18.15
CA ARG P 87 -37.95 13.17 17.60
C ARG P 87 -38.87 12.88 16.44
N GLN P 88 -38.28 12.35 15.35
CA GLN P 88 -39.02 11.83 14.20
C GLN P 88 -39.86 10.60 14.67
N GLN P 89 -41.18 10.64 14.44
CA GLN P 89 -42.08 9.48 14.74
C GLN P 89 -41.67 8.31 13.85
N SER P 90 -41.65 8.58 12.55
CA SER P 90 -41.17 7.64 11.52
C SER P 90 -39.92 6.83 11.95
N ASP P 91 -38.90 7.51 12.50
CA ASP P 91 -37.60 6.90 12.90
C ASP P 91 -37.11 7.55 14.21
N LYS P 92 -37.42 6.92 15.33
CA LYS P 92 -37.22 7.53 16.64
C LYS P 92 -35.78 7.71 17.03
N ARG P 93 -34.84 7.19 16.23
CA ARG P 93 -33.40 7.46 16.40
C ARG P 93 -33.01 8.85 15.98
N GLN P 94 -33.77 9.42 15.04
CA GLN P 94 -33.46 10.69 14.37
C GLN P 94 -33.95 11.88 15.19
N LEU P 95 -33.35 13.04 14.95
CA LEU P 95 -33.68 14.25 15.70
C LEU P 95 -33.75 15.38 14.73
N ILE P 96 -34.94 15.98 14.67
CA ILE P 96 -35.24 17.02 13.70
C ILE P 96 -35.09 18.36 14.42
N ILE P 97 -34.37 19.27 13.76
CA ILE P 97 -34.19 20.63 14.22
C ILE P 97 -35.11 21.47 13.34
N THR P 98 -35.89 22.33 13.99
CA THR P 98 -36.80 23.29 13.31
C THR P 98 -36.58 24.69 13.91
N LEU P 99 -36.43 25.68 13.06
CA LEU P 99 -36.42 27.07 13.53
C LEU P 99 -37.76 27.38 14.20
N THR P 100 -37.70 28.24 15.21
CA THR P 100 -38.89 28.84 15.77
C THR P 100 -39.17 30.08 14.98
N ASP P 101 -40.32 30.71 15.23
CA ASP P 101 -40.67 31.96 14.56
C ASP P 101 -39.60 33.01 14.84
N ASN P 102 -39.34 33.24 16.12
CA ASN P 102 -38.24 34.11 16.54
C ASN P 102 -36.94 33.84 15.83
N GLY P 103 -36.54 32.57 15.78
CA GLY P 103 -35.28 32.16 15.16
C GLY P 103 -35.22 32.41 13.67
N GLN P 104 -36.38 32.25 13.01
CA GLN P 104 -36.57 32.59 11.59
C GLN P 104 -36.48 34.10 11.40
N GLN P 105 -37.33 34.81 12.15
CA GLN P 105 -37.53 36.28 12.04
C GLN P 105 -36.26 37.06 12.25
N GLN P 106 -35.43 36.58 13.16
CA GLN P 106 -34.27 37.35 13.58
C GLN P 106 -33.08 37.33 12.59
N GLN P 107 -33.20 36.60 11.46
CA GLN P 107 -32.12 36.53 10.48
C GLN P 107 -31.73 37.89 9.92
N GLU P 108 -32.71 38.65 9.44
CA GLU P 108 -32.47 39.95 8.81
C GLU P 108 -31.73 40.90 9.74
N ALA P 109 -32.22 41.01 10.98
CA ALA P 109 -31.55 41.77 12.07
C ALA P 109 -30.05 41.39 12.26
N VAL P 110 -29.81 40.06 12.37
CA VAL P 110 -28.46 39.45 12.57
C VAL P 110 -27.54 39.79 11.42
N PHE P 111 -28.00 39.51 10.20
CA PHE P 111 -27.24 39.85 9.01
C PHE P 111 -26.87 41.35 8.97
N GLU P 112 -27.84 42.22 9.31
CA GLU P 112 -27.63 43.68 9.36
C GLU P 112 -26.47 44.05 10.29
N ALA P 113 -26.52 43.53 11.52
CA ALA P 113 -25.51 43.78 12.56
C ALA P 113 -24.10 43.37 12.17
N ILE P 114 -23.98 42.35 11.32
CA ILE P 114 -22.68 41.91 10.82
C ILE P 114 -22.28 42.76 9.60
N SER P 115 -23.22 42.85 8.65
CA SER P 115 -23.02 43.47 7.35
C SER P 115 -22.49 44.88 7.44
N SER P 116 -23.09 45.68 8.31
CA SER P 116 -22.70 47.10 8.52
C SER P 116 -21.30 47.35 9.16
N CYS P 117 -20.51 46.29 9.45
CA CYS P 117 -19.15 46.45 9.95
C CYS P 117 -18.12 45.86 8.97
N LEU P 118 -18.50 45.61 7.72
CA LEU P 118 -17.56 45.05 6.73
C LEU P 118 -16.79 46.16 5.96
N TYR P 127 -11.47 40.37 -3.09
CA TYR P 127 -11.59 39.15 -2.27
C TYR P 127 -12.38 38.02 -2.98
N ASP P 128 -12.52 38.12 -4.31
CA ASP P 128 -13.25 37.11 -5.11
C ASP P 128 -12.37 35.89 -5.37
N GLU P 129 -11.09 36.11 -5.67
CA GLU P 129 -10.10 35.03 -5.88
C GLU P 129 -9.36 34.59 -4.58
N THR P 130 -9.60 35.23 -3.45
CA THR P 130 -9.16 34.70 -2.15
C THR P 130 -9.97 33.48 -1.71
N LYS P 131 -11.28 33.49 -1.99
CA LYS P 131 -12.16 32.35 -1.67
C LYS P 131 -11.79 31.05 -2.41
N TYR P 132 -11.16 31.18 -3.59
CA TYR P 132 -10.69 30.04 -4.37
C TYR P 132 -9.44 29.40 -3.77
N VAL P 133 -8.55 30.23 -3.23
CA VAL P 133 -7.31 29.77 -2.63
C VAL P 133 -7.58 28.97 -1.38
N PHE P 134 -8.54 29.43 -0.59
CA PHE P 134 -8.95 28.73 0.62
C PHE P 134 -9.67 27.44 0.27
N GLU P 135 -10.59 27.50 -0.67
CA GLU P 135 -11.35 26.31 -1.08
C GLU P 135 -10.44 25.20 -1.62
N GLU P 136 -9.37 25.61 -2.32
CA GLU P 136 -8.44 24.66 -2.88
C GLU P 136 -7.59 24.05 -1.75
N LEU P 137 -6.95 24.89 -0.95
CA LEU P 137 -6.14 24.37 0.15
C LEU P 137 -6.97 23.38 0.95
N GLU P 138 -8.20 23.75 1.28
CA GLU P 138 -9.14 22.88 1.99
C GLU P 138 -9.18 21.45 1.42
N GLN P 139 -9.30 21.37 0.09
CA GLN P 139 -9.29 20.11 -0.68
C GLN P 139 -7.93 19.40 -0.61
N THR P 140 -6.85 20.15 -0.79
CA THR P 140 -5.52 19.58 -0.68
C THR P 140 -5.37 18.91 0.67
N LEU P 141 -5.79 19.57 1.75
CA LEU P 141 -5.69 19.01 3.12
C LEU P 141 -6.59 17.79 3.33
N LYS P 142 -7.80 17.80 2.77
CA LYS P 142 -8.71 16.64 2.84
C LYS P 142 -8.12 15.33 2.28
N HIS P 143 -7.45 15.41 1.13
CA HIS P 143 -6.72 14.27 0.55
C HIS P 143 -5.54 13.87 1.44
N LEU P 144 -4.83 14.86 1.96
CA LEU P 144 -3.65 14.63 2.77
C LEU P 144 -3.97 13.84 4.05
N ILE P 145 -5.18 14.01 4.60
CA ILE P 145 -5.60 13.33 5.82
C ILE P 145 -5.97 11.87 5.64
N GLU P 146 -6.34 11.45 4.42
CA GLU P 146 -6.84 10.08 4.17
C GLU P 146 -5.80 9.12 3.60
#